data_1A0S
#
_entry.id   1A0S
#
_cell.length_a   112.100
_cell.length_b   112.100
_cell.length_c   147.000
_cell.angle_alpha   90.00
_cell.angle_beta   90.00
_cell.angle_gamma   120.00
#
_symmetry.space_group_name_H-M   'P 32'
#
loop_
_entity.id
_entity.type
_entity.pdbx_description
1 polymer 'SUCROSE-SPECIFIC PORIN'
2 non-polymer 'CALCIUM ION'
3 water water
#
_entity_poly.entity_id   1
_entity_poly.type   'polypeptide(L)'
_entity_poly.pdbx_seq_one_letter_code
;SGFEFHGYARSGVIMNDSGASTKSGAYITPAGETGGAIGRLGNQADTYVEMNLEHKQTLDNGATTRFKVMVADGQTSYND
WTASTSDLNVRQAFVELGNLPTFAGPFKGSTLWAGKRFDRDNFDIHWIDSDVVFLAGTGGGIYDVKWNDGLRSNFSLYGR
NFGDIDDSSNSVQNYILTMNHFAGPLQMMVSGLRAKDNDERKDSNGNLAKGDAANTGVHALLGLHNDSFYGLRDGSSKTA
LLYGHGLGAEVKGIGSDGALRPGADTWRIASYGTTPLSENWSVAPAMLAQRSKDRYADGDSYQWATFNLRLIQAINQNFA
LAYEGSYQYMDLKPEGYNDRQAVNGSFYKLTFAPTFKVGSIGDFFSRPEIRFYTSWMDWSKKLNNYASDDALGSDGFNSG
GEWSFGVQMETWF
;
_entity_poly.pdbx_strand_id   P,Q,R
#
# COMPACT_ATOMS: atom_id res chain seq x y z
N SER A 1 -24.52 8.54 -5.90
CA SER A 1 -23.45 9.56 -6.12
C SER A 1 -22.19 8.90 -6.74
N GLY A 2 -21.02 9.17 -6.17
CA GLY A 2 -19.81 8.59 -6.72
C GLY A 2 -18.77 8.15 -5.70
N PHE A 3 -17.63 8.80 -5.77
CA PHE A 3 -16.49 8.51 -4.92
C PHE A 3 -16.46 9.30 -3.63
N GLU A 4 -15.98 8.66 -2.57
CA GLU A 4 -15.84 9.34 -1.28
C GLU A 4 -14.55 8.89 -0.65
N PHE A 5 -13.88 9.83 0.01
CA PHE A 5 -12.63 9.58 0.68
C PHE A 5 -12.74 9.93 2.17
N HIS A 6 -12.72 8.89 3.02
CA HIS A 6 -12.78 9.09 4.47
C HIS A 6 -11.55 8.50 5.13
N GLY A 7 -11.35 8.82 6.41
CA GLY A 7 -10.19 8.29 7.08
C GLY A 7 -9.94 8.77 8.49
N TYR A 8 -8.81 8.32 9.02
CA TYR A 8 -8.38 8.69 10.35
C TYR A 8 -6.87 8.79 10.31
N ALA A 9 -6.31 9.65 11.14
CA ALA A 9 -4.87 9.80 11.17
C ALA A 9 -4.38 10.54 12.40
N ARG A 10 -3.31 10.02 12.99
CA ARG A 10 -2.67 10.61 14.16
C ARG A 10 -1.17 10.55 13.77
N SER A 11 -0.42 11.56 14.18
CA SER A 11 1.00 11.57 13.90
C SER A 11 1.60 12.65 14.73
N GLY A 12 2.73 12.34 15.33
CA GLY A 12 3.38 13.32 16.17
C GLY A 12 4.61 12.78 16.80
N VAL A 13 5.15 13.57 17.72
CA VAL A 13 6.38 13.26 18.43
C VAL A 13 6.25 13.30 19.97
N ILE A 14 6.99 12.41 20.63
CA ILE A 14 7.07 12.34 22.10
C ILE A 14 8.55 12.14 22.50
N MET A 15 9.07 13.03 23.34
CA MET A 15 10.44 12.95 23.82
C MET A 15 10.43 13.13 25.34
N ASN A 16 11.53 12.74 25.99
CA ASN A 16 11.64 12.88 27.43
C ASN A 16 12.37 14.18 27.71
N ASP A 17 12.60 14.48 28.97
CA ASP A 17 13.27 15.72 29.35
C ASP A 17 14.73 15.82 28.91
N SER A 18 15.24 14.79 28.25
CA SER A 18 16.61 14.83 27.78
C SER A 18 16.65 14.92 26.26
N GLY A 19 15.48 15.01 25.64
CA GLY A 19 15.40 15.10 24.20
C GLY A 19 15.71 13.77 23.54
N ALA A 20 15.30 12.69 24.20
CA ALA A 20 15.52 11.34 23.66
C ALA A 20 14.25 10.53 23.74
N SER A 21 14.24 9.36 23.12
CA SER A 21 13.05 8.51 23.11
C SER A 21 12.64 7.99 24.47
N THR A 22 11.34 7.67 24.58
CA THR A 22 10.73 7.13 25.78
C THR A 22 9.65 6.16 25.36
N LYS A 23 8.96 5.60 26.35
CA LYS A 23 7.90 4.65 26.13
C LYS A 23 6.58 5.42 26.15
N SER A 24 5.64 5.00 25.32
CA SER A 24 4.34 5.65 25.27
C SER A 24 3.36 4.65 24.74
N GLY A 25 2.07 4.93 24.88
CA GLY A 25 1.07 4.00 24.38
C GLY A 25 -0.12 3.87 25.29
N ALA A 26 -1.29 3.69 24.70
CA ALA A 26 -2.50 3.56 25.49
C ALA A 26 -2.47 2.22 26.23
N TYR A 27 -1.67 1.29 25.70
CA TYR A 27 -1.55 -0.07 26.26
C TYR A 27 -0.17 -0.43 26.83
N ILE A 28 0.54 0.53 27.43
CA ILE A 28 1.86 0.23 27.96
C ILE A 28 1.99 -0.39 29.33
N THR A 29 0.96 -0.31 30.15
CA THR A 29 1.05 -0.90 31.48
C THR A 29 0.86 -2.42 31.33
N PRO A 30 1.29 -3.19 32.36
CA PRO A 30 1.14 -4.65 32.31
C PRO A 30 -0.31 -5.04 32.03
N ALA A 31 -1.24 -4.24 32.53
CA ALA A 31 -2.67 -4.47 32.35
C ALA A 31 -3.09 -4.41 30.86
N GLY A 32 -2.29 -3.69 30.08
CA GLY A 32 -2.55 -3.52 28.67
C GLY A 32 -2.56 -4.76 27.79
N GLU A 33 -1.89 -5.83 28.25
CA GLU A 33 -1.84 -7.06 27.47
C GLU A 33 -3.19 -7.73 27.42
N THR A 34 -4.00 -7.46 28.43
CA THR A 34 -5.34 -8.04 28.49
C THR A 34 -6.42 -6.97 28.22
N GLY A 35 -6.02 -5.87 27.58
CA GLY A 35 -6.94 -4.80 27.23
C GLY A 35 -6.99 -3.59 28.13
N GLY A 36 -6.10 -3.55 29.13
CA GLY A 36 -6.10 -2.45 30.08
C GLY A 36 -5.54 -1.12 29.59
N ALA A 37 -6.27 -0.49 28.66
CA ALA A 37 -5.86 0.80 28.09
C ALA A 37 -5.90 1.99 29.05
N ILE A 38 -5.07 2.99 28.80
CA ILE A 38 -5.05 4.22 29.62
C ILE A 38 -5.14 5.42 28.68
N GLY A 39 -5.18 6.62 29.27
CA GLY A 39 -5.28 7.82 28.44
C GLY A 39 -4.30 7.85 27.27
N ARG A 40 -4.78 8.32 26.13
CA ARG A 40 -3.94 8.40 24.96
C ARG A 40 -3.35 9.79 24.69
N LEU A 41 -3.83 10.81 25.40
CA LEU A 41 -3.35 12.16 25.17
C LEU A 41 -1.88 12.30 25.53
N GLY A 42 -1.10 12.81 24.57
CA GLY A 42 0.33 13.00 24.77
C GLY A 42 0.97 11.66 25.08
N ASN A 43 0.35 10.60 24.59
CA ASN A 43 0.78 9.24 24.85
C ASN A 43 0.73 8.32 23.62
N GLN A 44 0.90 8.89 22.43
CA GLN A 44 0.93 8.11 21.18
C GLN A 44 1.94 8.76 20.23
N ALA A 45 3.06 8.06 20.03
CA ALA A 45 4.11 8.59 19.17
C ALA A 45 4.18 7.97 17.80
N ASP A 46 3.22 7.11 17.46
CA ASP A 46 3.20 6.49 16.15
C ASP A 46 2.45 7.31 15.10
N THR A 47 2.69 6.97 13.84
CA THR A 47 2.01 7.63 12.72
C THR A 47 1.09 6.53 12.18
N TYR A 48 -0.17 6.58 12.58
CA TYR A 48 -1.15 5.59 12.17
C TYR A 48 -2.13 6.24 11.19
N VAL A 49 -2.43 5.53 10.10
CA VAL A 49 -3.32 6.04 9.07
C VAL A 49 -4.30 4.99 8.53
N GLU A 50 -5.54 5.43 8.32
CA GLU A 50 -6.61 4.58 7.75
C GLU A 50 -7.16 5.37 6.57
N MET A 51 -7.08 4.76 5.38
CA MET A 51 -7.55 5.38 4.15
C MET A 51 -8.74 4.62 3.61
N ASN A 52 -9.91 5.23 3.68
CA ASN A 52 -11.14 4.62 3.21
C ASN A 52 -11.58 5.22 1.87
N LEU A 53 -11.53 4.42 0.82
CA LEU A 53 -11.92 4.83 -0.53
C LEU A 53 -13.26 4.17 -0.81
N GLU A 54 -14.26 4.97 -1.17
CA GLU A 54 -15.57 4.40 -1.41
C GLU A 54 -16.15 4.76 -2.75
N HIS A 55 -17.08 3.91 -3.16
CA HIS A 55 -17.80 4.08 -4.39
C HIS A 55 -19.27 3.80 -4.08
N LYS A 56 -20.02 4.87 -3.85
CA LYS A 56 -21.45 4.80 -3.54
C LYS A 56 -22.28 5.00 -4.81
N GLN A 57 -23.52 4.55 -4.77
CA GLN A 57 -24.41 4.66 -5.90
C GLN A 57 -25.84 4.57 -5.39
N THR A 58 -26.65 5.55 -5.76
CA THR A 58 -28.06 5.54 -5.37
C THR A 58 -28.89 5.43 -6.63
N LEU A 59 -29.66 4.36 -6.74
CA LEU A 59 -30.52 4.16 -7.90
C LEU A 59 -31.84 4.91 -7.73
N ASP A 60 -32.48 5.22 -8.86
CA ASP A 60 -33.75 5.93 -8.86
C ASP A 60 -34.83 5.31 -7.96
N ASN A 61 -34.86 3.99 -7.85
CA ASN A 61 -35.87 3.32 -7.03
C ASN A 61 -35.58 3.34 -5.53
N GLY A 62 -34.60 4.14 -5.12
CA GLY A 62 -34.24 4.23 -3.71
C GLY A 62 -33.16 3.27 -3.24
N ALA A 63 -32.86 2.27 -4.08
CA ALA A 63 -31.85 1.26 -3.77
C ALA A 63 -30.44 1.82 -3.82
N THR A 64 -29.67 1.56 -2.78
CA THR A 64 -28.29 2.01 -2.73
C THR A 64 -27.33 0.86 -2.86
N THR A 65 -26.15 1.22 -3.35
CA THR A 65 -25.05 0.32 -3.59
C THR A 65 -23.86 1.01 -2.91
N ARG A 66 -23.01 0.23 -2.26
CA ARG A 66 -21.83 0.78 -1.59
C ARG A 66 -20.65 -0.14 -1.46
N PHE A 67 -19.51 0.33 -1.94
CA PHE A 67 -18.29 -0.43 -1.85
C PHE A 67 -17.26 0.43 -1.11
N LYS A 68 -16.54 -0.20 -0.19
CA LYS A 68 -15.52 0.47 0.60
C LYS A 68 -14.28 -0.41 0.83
N VAL A 69 -13.10 0.23 0.78
CA VAL A 69 -11.82 -0.45 1.03
C VAL A 69 -11.13 0.33 2.11
N MET A 70 -10.50 -0.35 3.07
CA MET A 70 -9.72 0.35 4.06
C MET A 70 -8.28 -0.16 3.90
N VAL A 71 -7.34 0.79 3.89
CA VAL A 71 -5.92 0.47 3.75
C VAL A 71 -5.30 1.18 4.95
N ALA A 72 -4.65 0.41 5.83
CA ALA A 72 -4.06 1.01 7.02
C ALA A 72 -2.57 0.72 7.21
N ASP A 73 -1.95 1.55 8.04
CA ASP A 73 -0.55 1.42 8.35
C ASP A 73 -0.28 2.12 9.68
N GLY A 74 0.71 1.62 10.42
CA GLY A 74 1.10 2.23 11.68
C GLY A 74 2.61 2.09 11.75
N GLN A 75 3.31 3.22 11.93
CA GLN A 75 4.77 3.25 12.02
C GLN A 75 5.22 3.96 13.29
N THR A 76 6.30 3.48 13.92
CA THR A 76 6.79 4.15 15.12
C THR A 76 7.93 5.07 14.71
N SER A 77 8.45 4.82 13.52
CA SER A 77 9.53 5.61 12.95
C SER A 77 9.07 7.02 12.55
N TYR A 78 9.97 7.99 12.67
CA TYR A 78 9.70 9.36 12.33
C TYR A 78 10.14 9.70 10.91
N ASN A 79 10.87 8.78 10.28
CA ASN A 79 11.39 9.03 8.96
C ASN A 79 10.40 9.11 7.85
N ASP A 80 10.79 9.85 6.80
CA ASP A 80 9.95 10.08 5.61
C ASP A 80 9.85 8.90 4.64
N TRP A 81 10.65 7.86 4.85
CA TRP A 81 10.64 6.67 3.99
C TRP A 81 10.73 5.48 4.93
N THR A 82 9.69 4.65 4.92
CA THR A 82 9.63 3.49 5.81
C THR A 82 9.27 2.20 5.12
N ALA A 83 9.83 1.99 3.94
CA ALA A 83 9.55 0.77 3.19
C ALA A 83 9.96 -0.51 3.94
N SER A 84 11.13 -0.48 4.58
CA SER A 84 11.62 -1.66 5.28
C SER A 84 10.75 -2.15 6.43
N THR A 85 10.03 -1.23 7.08
CA THR A 85 9.13 -1.59 8.19
C THR A 85 7.65 -1.28 7.95
N SER A 86 7.24 -1.10 6.70
CA SER A 86 5.85 -0.77 6.34
C SER A 86 4.82 -1.82 6.74
N ASP A 87 3.70 -1.39 7.31
CA ASP A 87 2.61 -2.32 7.70
C ASP A 87 1.34 -2.12 6.88
N LEU A 88 1.47 -1.50 5.71
CA LEU A 88 0.36 -1.20 4.79
C LEU A 88 -0.42 -2.47 4.46
N ASN A 89 -1.69 -2.50 4.83
CA ASN A 89 -2.51 -3.68 4.55
C ASN A 89 -3.98 -3.35 4.40
N VAL A 90 -4.69 -4.21 3.68
CA VAL A 90 -6.10 -4.03 3.44
C VAL A 90 -6.90 -4.63 4.58
N ARG A 91 -7.39 -3.73 5.43
CA ARG A 91 -8.20 -4.04 6.60
C ARG A 91 -9.66 -4.40 6.25
N GLN A 92 -10.23 -3.78 5.20
CA GLN A 92 -11.63 -4.04 4.79
C GLN A 92 -11.83 -3.92 3.29
N ALA A 93 -12.86 -4.62 2.82
CA ALA A 93 -13.24 -4.64 1.41
C ALA A 93 -14.63 -5.28 1.41
N PHE A 94 -15.68 -4.45 1.37
CA PHE A 94 -17.05 -4.97 1.40
C PHE A 94 -18.03 -4.22 0.53
N VAL A 95 -19.19 -4.86 0.33
CA VAL A 95 -20.26 -4.31 -0.47
C VAL A 95 -21.53 -4.31 0.35
N GLU A 96 -22.24 -3.18 0.29
CA GLU A 96 -23.51 -3.02 0.97
C GLU A 96 -24.61 -2.72 -0.06
N LEU A 97 -25.69 -3.51 0.01
CA LEU A 97 -26.85 -3.32 -0.84
C LEU A 97 -28.00 -2.87 0.09
N GLY A 98 -28.34 -1.59 0.04
CA GLY A 98 -29.39 -1.12 0.91
C GLY A 98 -30.71 -0.74 0.25
N ASN A 99 -31.75 -0.67 1.09
CA ASN A 99 -33.10 -0.27 0.69
C ASN A 99 -33.55 -0.89 -0.63
N LEU A 100 -33.47 -2.20 -0.72
CA LEU A 100 -33.89 -2.85 -1.96
C LEU A 100 -35.41 -2.85 -2.03
N PRO A 101 -35.95 -2.57 -3.23
CA PRO A 101 -37.40 -2.52 -3.50
C PRO A 101 -38.09 -3.87 -3.29
N THR A 102 -37.33 -4.94 -3.43
CA THR A 102 -37.83 -6.29 -3.26
C THR A 102 -37.98 -6.73 -1.79
N PHE A 103 -37.35 -6.00 -0.88
CA PHE A 103 -37.41 -6.33 0.54
C PHE A 103 -38.60 -5.70 1.21
N ALA A 104 -39.53 -6.53 1.66
CA ALA A 104 -40.73 -6.06 2.36
C ALA A 104 -40.82 -6.49 3.83
N GLY A 105 -41.89 -6.06 4.50
CA GLY A 105 -42.10 -6.40 5.88
C GLY A 105 -40.98 -5.90 6.76
N PRO A 106 -40.48 -6.74 7.67
CA PRO A 106 -39.39 -6.42 8.62
C PRO A 106 -38.05 -6.08 7.94
N PHE A 107 -37.93 -6.46 6.68
CA PHE A 107 -36.74 -6.23 5.88
C PHE A 107 -36.83 -4.93 5.09
N LYS A 108 -37.89 -4.16 5.31
CA LYS A 108 -38.11 -2.92 4.58
C LYS A 108 -36.87 -2.05 4.32
N GLY A 109 -36.32 -1.43 5.35
CA GLY A 109 -35.19 -0.58 5.09
C GLY A 109 -33.85 -1.22 5.40
N SER A 110 -33.83 -2.55 5.46
CA SER A 110 -32.61 -3.28 5.79
C SER A 110 -31.52 -3.23 4.73
N THR A 111 -30.28 -3.35 5.20
CA THR A 111 -29.12 -3.34 4.31
C THR A 111 -28.29 -4.63 4.41
N LEU A 112 -28.13 -5.29 3.27
CA LEU A 112 -27.36 -6.53 3.14
C LEU A 112 -25.87 -6.21 2.92
N TRP A 113 -24.98 -7.07 3.41
CA TRP A 113 -23.55 -6.87 3.21
C TRP A 113 -22.76 -8.19 3.11
N ALA A 114 -21.58 -8.09 2.52
CA ALA A 114 -20.69 -9.23 2.34
C ALA A 114 -19.27 -8.70 2.10
N GLY A 115 -18.29 -9.42 2.62
CA GLY A 115 -16.90 -9.04 2.47
C GLY A 115 -16.18 -8.93 3.82
N LYS A 116 -14.98 -8.38 3.79
CA LYS A 116 -14.19 -8.18 4.99
C LYS A 116 -14.49 -6.76 5.50
N ARG A 117 -14.93 -6.64 6.75
CA ARG A 117 -15.27 -5.32 7.28
C ARG A 117 -15.26 -5.28 8.78
N PHE A 118 -15.36 -4.08 9.34
CA PHE A 118 -15.50 -3.90 10.78
C PHE A 118 -17.03 -3.77 10.84
N ASP A 119 -17.67 -4.42 11.81
CA ASP A 119 -19.13 -4.32 11.95
C ASP A 119 -19.52 -2.85 12.12
N ARG A 120 -20.61 -2.47 11.47
CA ARG A 120 -21.09 -1.08 11.49
C ARG A 120 -21.37 -0.62 12.89
N ASP A 121 -21.95 -1.50 13.70
CA ASP A 121 -22.35 -1.14 15.06
C ASP A 121 -21.37 -1.26 16.23
N ASN A 122 -20.07 -1.34 15.94
CA ASN A 122 -19.06 -1.40 17.00
C ASN A 122 -19.00 0.03 17.51
N PHE A 123 -18.63 0.22 18.77
CA PHE A 123 -18.47 1.58 19.29
C PHE A 123 -17.26 1.63 20.19
N ASP A 124 -16.71 2.81 20.41
CA ASP A 124 -15.50 2.92 21.24
C ASP A 124 -15.52 3.97 22.35
N ILE A 125 -14.42 4.05 23.08
CA ILE A 125 -14.22 5.01 24.15
C ILE A 125 -12.95 5.69 23.66
N HIS A 126 -13.13 6.71 22.83
CA HIS A 126 -12.04 7.43 22.20
C HIS A 126 -10.81 7.85 23.02
N TRP A 127 -11.03 8.53 24.13
CA TRP A 127 -9.93 9.07 24.95
C TRP A 127 -8.95 8.03 25.50
N ILE A 128 -9.33 6.76 25.35
CA ILE A 128 -8.56 5.65 25.87
C ILE A 128 -8.10 4.69 24.76
N ASP A 129 -8.42 5.04 23.52
CA ASP A 129 -8.06 4.27 22.33
C ASP A 129 -8.46 2.81 22.44
N SER A 130 -9.70 2.60 22.86
CA SER A 130 -10.20 1.24 23.03
C SER A 130 -11.65 1.13 22.59
N ASP A 131 -11.95 0.13 21.78
CA ASP A 131 -13.31 -0.11 21.38
C ASP A 131 -13.98 -0.74 22.60
N VAL A 132 -15.31 -0.69 22.64
CA VAL A 132 -16.08 -1.31 23.71
C VAL A 132 -16.29 -2.75 23.20
N VAL A 133 -16.65 -2.87 21.94
CA VAL A 133 -16.84 -4.15 21.25
C VAL A 133 -16.23 -3.95 19.87
N PHE A 134 -15.58 -4.98 19.33
CA PHE A 134 -14.97 -4.86 18.01
C PHE A 134 -15.12 -6.15 17.24
N LEU A 135 -16.24 -6.26 16.53
CA LEU A 135 -16.52 -7.42 15.73
C LEU A 135 -16.02 -7.09 14.32
N ALA A 136 -15.06 -7.87 13.81
CA ALA A 136 -14.51 -7.67 12.47
C ALA A 136 -14.07 -9.02 11.89
N GLY A 137 -13.93 -9.09 10.57
CA GLY A 137 -13.54 -10.32 9.92
C GLY A 137 -14.14 -10.35 8.54
N THR A 138 -14.36 -11.54 7.99
CA THR A 138 -14.93 -11.70 6.66
C THR A 138 -16.17 -12.56 6.78
N GLY A 139 -17.26 -12.14 6.16
CA GLY A 139 -18.49 -12.92 6.21
C GLY A 139 -19.62 -12.23 5.46
N GLY A 140 -20.81 -12.20 6.09
CA GLY A 140 -21.97 -11.58 5.49
C GLY A 140 -23.05 -11.40 6.53
N GLY A 141 -24.04 -10.57 6.22
CA GLY A 141 -25.12 -10.36 7.17
C GLY A 141 -26.15 -9.35 6.72
N ILE A 142 -26.99 -8.96 7.66
CA ILE A 142 -28.03 -7.99 7.36
C ILE A 142 -28.21 -7.02 8.54
N TYR A 143 -28.38 -5.75 8.22
CA TYR A 143 -28.56 -4.74 9.26
C TYR A 143 -29.99 -4.17 9.23
N ASP A 144 -30.46 -3.80 10.42
CA ASP A 144 -31.78 -3.20 10.61
C ASP A 144 -33.02 -4.00 10.15
N VAL A 145 -33.26 -5.16 10.76
CA VAL A 145 -34.45 -5.94 10.45
C VAL A 145 -35.42 -5.47 11.53
N LYS A 146 -36.44 -4.71 11.14
CA LYS A 146 -37.41 -4.16 12.09
C LYS A 146 -38.56 -5.11 12.40
N TRP A 147 -38.81 -5.31 13.68
CA TRP A 147 -39.92 -6.17 14.12
C TRP A 147 -40.82 -5.16 14.83
N ASN A 148 -42.14 -5.39 14.81
CA ASN A 148 -43.13 -4.53 15.49
C ASN A 148 -42.85 -3.00 15.52
N ASP A 149 -41.89 -2.54 14.72
CA ASP A 149 -41.49 -1.12 14.62
C ASP A 149 -40.95 -0.49 15.92
N GLY A 150 -40.13 -1.25 16.64
CA GLY A 150 -39.55 -0.77 17.88
C GLY A 150 -38.46 -1.69 18.38
N LEU A 151 -38.15 -2.72 17.58
CA LEU A 151 -37.12 -3.69 17.90
C LEU A 151 -36.37 -4.04 16.62
N ARG A 152 -35.17 -3.48 16.46
CA ARG A 152 -34.36 -3.77 15.28
C ARG A 152 -33.31 -4.80 15.65
N SER A 153 -32.88 -5.54 14.64
CA SER A 153 -31.90 -6.59 14.82
C SER A 153 -30.89 -6.66 13.67
N ASN A 154 -29.70 -7.17 14.00
CA ASN A 154 -28.64 -7.39 13.03
C ASN A 154 -28.31 -8.87 13.19
N PHE A 155 -28.10 -9.56 12.09
CA PHE A 155 -27.74 -10.97 12.12
C PHE A 155 -26.56 -11.14 11.17
N SER A 156 -25.53 -11.88 11.60
CA SER A 156 -24.35 -12.06 10.75
C SER A 156 -23.46 -13.26 11.02
N LEU A 157 -22.65 -13.60 10.02
CA LEU A 157 -21.67 -14.67 10.11
C LEU A 157 -20.34 -14.01 9.75
N TYR A 158 -19.43 -14.01 10.71
CA TYR A 158 -18.10 -13.45 10.49
C TYR A 158 -17.06 -14.56 10.65
N GLY A 159 -16.12 -14.64 9.71
CA GLY A 159 -15.06 -15.62 9.78
C GLY A 159 -13.71 -14.98 10.07
N ARG A 160 -12.90 -15.67 10.90
CA ARG A 160 -11.56 -15.23 11.25
C ARG A 160 -10.56 -16.40 11.16
N ASN A 161 -9.29 -16.11 11.42
CA ASN A 161 -8.24 -17.13 11.34
C ASN A 161 -7.33 -17.10 12.58
N PHE A 162 -6.91 -18.29 13.03
CA PHE A 162 -5.98 -18.42 14.16
C PHE A 162 -4.72 -19.05 13.59
N GLY A 163 -3.57 -18.60 14.09
CA GLY A 163 -2.29 -19.13 13.63
C GLY A 163 -1.71 -18.54 12.37
N ASP A 164 -0.76 -19.25 11.78
CA ASP A 164 -0.09 -18.82 10.56
C ASP A 164 -0.88 -19.34 9.37
N ILE A 165 -1.46 -18.40 8.62
CA ILE A 165 -2.29 -18.73 7.45
C ILE A 165 -1.55 -19.58 6.39
N ASP A 166 -0.21 -19.46 6.36
CA ASP A 166 0.62 -20.21 5.42
C ASP A 166 0.85 -21.66 5.83
N ASP A 167 0.92 -21.88 7.14
CA ASP A 167 1.14 -23.20 7.73
C ASP A 167 -0.20 -23.91 7.89
N SER A 168 -0.48 -24.83 6.96
CA SER A 168 -1.72 -25.60 6.97
C SER A 168 -1.99 -26.41 8.27
N SER A 169 -0.92 -26.75 9.01
CA SER A 169 -1.05 -27.51 10.27
C SER A 169 -1.21 -26.62 11.50
N ASN A 170 -0.92 -25.33 11.34
CA ASN A 170 -1.05 -24.37 12.44
C ASN A 170 -2.05 -23.27 12.06
N SER A 171 -3.03 -23.61 11.22
CA SER A 171 -4.03 -22.64 10.78
C SER A 171 -5.47 -23.13 10.94
N VAL A 172 -6.27 -22.34 11.64
CA VAL A 172 -7.66 -22.68 11.87
C VAL A 172 -8.60 -21.50 11.59
N GLN A 173 -9.79 -21.82 11.10
CA GLN A 173 -10.80 -20.79 10.83
C GLN A 173 -11.73 -20.78 12.00
N ASN A 174 -12.09 -19.58 12.45
CA ASN A 174 -12.99 -19.41 13.58
C ASN A 174 -14.22 -18.68 13.04
N TYR A 175 -15.38 -19.30 13.21
CA TYR A 175 -16.62 -18.69 12.77
C TYR A 175 -17.43 -18.15 13.93
N ILE A 176 -18.07 -17.01 13.67
CA ILE A 176 -18.87 -16.33 14.67
C ILE A 176 -20.26 -16.01 14.14
N LEU A 177 -21.27 -16.39 14.94
CA LEU A 177 -22.66 -16.14 14.61
C LEU A 177 -23.14 -15.21 15.67
N THR A 178 -23.62 -14.05 15.23
CA THR A 178 -24.11 -13.06 16.17
C THR A 178 -25.47 -12.45 15.82
N MET A 179 -26.22 -12.12 16.86
CA MET A 179 -27.51 -11.47 16.72
C MET A 179 -27.37 -10.26 17.61
N ASN A 180 -27.63 -9.10 17.02
CA ASN A 180 -27.49 -7.85 17.75
C ASN A 180 -28.87 -7.20 17.75
N HIS A 181 -29.49 -7.10 18.93
CA HIS A 181 -30.82 -6.51 19.08
C HIS A 181 -30.81 -5.17 19.75
N PHE A 182 -31.67 -4.27 19.25
CA PHE A 182 -31.79 -2.92 19.80
C PHE A 182 -33.26 -2.59 20.10
N ALA A 183 -33.49 -2.05 21.30
CA ALA A 183 -34.83 -1.66 21.75
C ALA A 183 -34.71 -0.35 22.53
N GLY A 184 -34.81 0.77 21.80
CA GLY A 184 -34.68 2.07 22.43
C GLY A 184 -33.22 2.28 22.71
N PRO A 185 -32.85 2.67 23.94
CA PRO A 185 -31.46 2.91 24.35
C PRO A 185 -30.77 1.58 24.77
N LEU A 186 -31.55 0.51 24.78
CA LEU A 186 -31.05 -0.77 25.19
C LEU A 186 -30.52 -1.64 24.05
N GLN A 187 -29.42 -2.34 24.32
CA GLN A 187 -28.81 -3.23 23.34
C GLN A 187 -28.43 -4.56 23.97
N MET A 188 -28.66 -5.62 23.22
CA MET A 188 -28.34 -6.94 23.68
C MET A 188 -27.76 -7.72 22.53
N MET A 189 -26.46 -8.00 22.64
CA MET A 189 -25.72 -8.73 21.62
C MET A 189 -25.33 -10.13 22.15
N VAL A 190 -25.57 -11.16 21.34
CA VAL A 190 -25.25 -12.53 21.71
C VAL A 190 -24.55 -13.26 20.56
N SER A 191 -23.31 -13.68 20.78
CA SER A 191 -22.56 -14.37 19.74
C SER A 191 -22.09 -15.76 20.16
N GLY A 192 -22.02 -16.67 19.20
CA GLY A 192 -21.55 -18.00 19.47
C GLY A 192 -20.36 -18.22 18.55
N LEU A 193 -19.21 -18.64 19.10
CA LEU A 193 -18.05 -18.86 18.26
C LEU A 193 -17.53 -20.28 18.25
N ARG A 194 -16.91 -20.66 17.13
CA ARG A 194 -16.38 -21.99 16.97
C ARG A 194 -15.23 -22.09 15.98
N ALA A 195 -14.10 -22.58 16.48
CA ALA A 195 -12.91 -22.79 15.67
C ALA A 195 -12.55 -24.26 15.91
N LYS A 196 -13.01 -25.10 14.99
CA LYS A 196 -12.79 -26.54 15.05
C LYS A 196 -11.31 -26.88 15.15
N ASP A 197 -11.01 -27.82 16.04
CA ASP A 197 -9.64 -28.33 16.26
C ASP A 197 -8.61 -27.26 16.47
N ASN A 198 -8.99 -26.24 17.23
CA ASN A 198 -8.06 -25.17 17.53
C ASN A 198 -6.97 -25.81 18.39
N ASP A 199 -7.40 -26.65 19.32
CA ASP A 199 -6.51 -27.32 20.26
C ASP A 199 -5.52 -28.30 19.65
N GLU A 200 -5.68 -28.58 18.35
CA GLU A 200 -4.79 -29.50 17.67
C GLU A 200 -3.85 -28.87 16.66
N ARG A 201 -3.59 -27.57 16.84
CA ARG A 201 -2.69 -26.85 15.94
C ARG A 201 -1.25 -27.14 16.35
N LYS A 202 -0.49 -27.71 15.44
CA LYS A 202 0.91 -28.04 15.74
C LYS A 202 1.81 -26.98 15.14
N ASP A 203 2.75 -26.47 15.95
CA ASP A 203 3.69 -25.48 15.46
C ASP A 203 4.63 -26.07 14.40
N SER A 204 5.53 -25.24 13.88
CA SER A 204 6.49 -25.67 12.84
C SER A 204 7.34 -26.91 13.20
N ASN A 205 7.58 -27.13 14.50
CA ASN A 205 8.35 -28.28 14.97
C ASN A 205 7.56 -29.58 14.80
N GLY A 206 6.39 -29.62 15.42
CA GLY A 206 5.53 -30.79 15.35
C GLY A 206 4.77 -30.92 16.65
N ASN A 207 5.06 -30.02 17.59
CA ASN A 207 4.41 -30.01 18.89
C ASN A 207 3.11 -29.24 18.85
N LEU A 208 2.25 -29.48 19.83
CA LEU A 208 0.99 -28.78 19.91
C LEU A 208 1.34 -27.34 20.29
N ALA A 209 0.76 -26.37 19.57
CA ALA A 209 0.99 -24.96 19.86
C ALA A 209 0.41 -24.62 21.24
N LYS A 210 -0.69 -25.27 21.61
CA LYS A 210 -1.34 -25.03 22.91
C LYS A 210 -1.84 -26.31 23.58
N GLY A 211 -2.72 -27.05 22.89
CA GLY A 211 -3.22 -28.27 23.51
C GLY A 211 -4.44 -28.07 24.37
N ASP A 212 -4.42 -27.11 25.29
CA ASP A 212 -5.60 -26.86 26.12
C ASP A 212 -6.42 -25.67 25.61
N ALA A 213 -6.16 -25.26 24.36
CA ALA A 213 -6.87 -24.16 23.74
C ALA A 213 -8.32 -24.54 23.48
N ALA A 214 -9.22 -23.56 23.63
CA ALA A 214 -10.66 -23.77 23.39
C ALA A 214 -11.02 -23.86 21.91
N ASN A 215 -12.12 -24.58 21.64
CA ASN A 215 -12.62 -24.78 20.28
C ASN A 215 -13.96 -24.09 20.05
N THR A 216 -14.60 -23.63 21.13
CA THR A 216 -15.89 -22.94 21.06
C THR A 216 -15.90 -21.80 22.06
N GLY A 217 -16.98 -21.01 22.04
CA GLY A 217 -17.10 -19.89 22.96
C GLY A 217 -18.44 -19.18 22.85
N VAL A 218 -18.76 -18.38 23.84
CA VAL A 218 -20.00 -17.62 23.88
C VAL A 218 -19.64 -16.21 24.34
N HIS A 219 -20.36 -15.22 23.79
CA HIS A 219 -20.10 -13.82 24.11
C HIS A 219 -21.42 -13.08 24.18
N ALA A 220 -21.52 -12.13 25.12
CA ALA A 220 -22.73 -11.34 25.29
C ALA A 220 -22.40 -9.90 25.67
N LEU A 221 -23.31 -8.99 25.35
CA LEU A 221 -23.13 -7.57 25.63
C LEU A 221 -24.49 -6.98 25.96
N LEU A 222 -24.51 -6.19 27.02
CA LEU A 222 -25.71 -5.53 27.47
C LEU A 222 -25.32 -4.06 27.51
N GLY A 223 -25.93 -3.26 26.65
CA GLY A 223 -25.59 -1.86 26.59
C GLY A 223 -26.72 -0.86 26.74
N LEU A 224 -26.35 0.31 27.26
CA LEU A 224 -27.30 1.40 27.50
C LEU A 224 -26.80 2.65 26.81
N HIS A 225 -27.49 3.06 25.75
CA HIS A 225 -27.12 4.26 24.97
C HIS A 225 -28.02 5.45 25.30
N ASN A 226 -27.54 6.33 26.18
CA ASN A 226 -28.32 7.48 26.61
C ASN A 226 -28.03 8.74 25.84
N ASP A 227 -29.07 9.55 25.72
CA ASP A 227 -28.98 10.81 25.02
C ASP A 227 -28.73 11.93 25.99
N SER A 228 -28.35 11.57 27.21
CA SER A 228 -28.04 12.55 28.22
C SER A 228 -26.81 12.05 28.94
N PHE A 229 -26.25 12.91 29.79
CA PHE A 229 -25.09 12.54 30.56
C PHE A 229 -25.57 11.70 31.75
N TYR A 230 -25.71 10.39 31.53
CA TYR A 230 -26.15 9.48 32.60
C TYR A 230 -27.49 9.87 33.25
N GLY A 231 -28.37 10.46 32.44
CA GLY A 231 -29.68 10.89 32.91
C GLY A 231 -29.78 11.99 33.95
N LEU A 232 -28.75 12.82 34.12
CA LEU A 232 -28.85 13.89 35.12
C LEU A 232 -28.24 15.20 34.70
N ARG A 233 -27.96 15.32 33.41
CA ARG A 233 -27.35 16.54 32.89
C ARG A 233 -27.32 16.38 31.36
N ASP A 234 -27.16 17.49 30.64
CA ASP A 234 -27.11 17.46 29.19
C ASP A 234 -25.83 16.81 28.68
N GLY A 235 -25.96 15.96 27.67
CA GLY A 235 -24.82 15.30 27.08
C GLY A 235 -25.16 13.95 26.50
N SER A 236 -24.30 12.97 26.75
CA SER A 236 -24.50 11.62 26.27
C SER A 236 -23.70 10.68 27.14
N SER A 237 -23.97 9.39 26.99
CA SER A 237 -23.28 8.42 27.78
C SER A 237 -23.62 7.05 27.25
N LYS A 238 -22.76 6.09 27.55
CA LYS A 238 -22.97 4.70 27.15
C LYS A 238 -22.38 3.84 28.25
N THR A 239 -23.06 2.77 28.57
CA THR A 239 -22.60 1.87 29.59
C THR A 239 -22.86 0.50 29.03
N ALA A 240 -21.81 -0.33 29.04
CA ALA A 240 -21.93 -1.67 28.51
C ALA A 240 -21.37 -2.65 29.49
N LEU A 241 -21.95 -3.83 29.49
CA LEU A 241 -21.53 -4.90 30.36
C LEU A 241 -21.26 -6.06 29.43
N LEU A 242 -20.01 -6.54 29.43
CA LEU A 242 -19.64 -7.64 28.55
C LEU A 242 -19.30 -8.90 29.31
N TYR A 243 -19.56 -10.02 28.65
CA TYR A 243 -19.29 -11.32 29.24
C TYR A 243 -18.92 -12.31 28.16
N GLY A 244 -17.96 -13.18 28.47
CA GLY A 244 -17.54 -14.19 27.51
C GLY A 244 -16.94 -15.39 28.19
N HIS A 245 -17.05 -16.54 27.54
CA HIS A 245 -16.54 -17.78 28.07
C HIS A 245 -15.90 -18.54 26.94
N GLY A 246 -14.75 -19.16 27.20
CA GLY A 246 -14.04 -19.91 26.18
C GLY A 246 -13.44 -18.97 25.14
N LEU A 247 -13.66 -19.28 23.86
CA LEU A 247 -13.12 -18.41 22.80
C LEU A 247 -13.73 -17.01 22.88
N GLY A 248 -14.89 -16.91 23.52
CA GLY A 248 -15.51 -15.62 23.70
C GLY A 248 -14.97 -14.88 24.89
N ALA A 249 -13.98 -15.45 25.58
CA ALA A 249 -13.43 -14.76 26.78
C ALA A 249 -12.61 -13.48 26.51
N GLU A 250 -12.30 -13.23 25.25
CA GLU A 250 -11.65 -11.96 24.88
C GLU A 250 -12.89 -11.16 24.44
N VAL A 251 -13.40 -10.34 25.36
CA VAL A 251 -14.63 -9.57 25.14
C VAL A 251 -14.62 -8.36 24.19
N LYS A 252 -13.45 -7.87 23.80
CA LYS A 252 -13.38 -6.75 22.87
C LYS A 252 -13.25 -7.32 21.46
N GLY A 253 -12.05 -7.77 21.11
CA GLY A 253 -11.84 -8.34 19.79
C GLY A 253 -12.42 -9.73 19.72
N ILE A 254 -13.72 -9.82 19.51
CA ILE A 254 -14.42 -11.09 19.42
C ILE A 254 -13.78 -12.07 18.44
N GLY A 255 -13.43 -13.25 18.94
CA GLY A 255 -12.84 -14.29 18.12
C GLY A 255 -11.41 -13.99 17.66
N SER A 256 -10.75 -13.05 18.34
CA SER A 256 -9.38 -12.65 17.99
C SER A 256 -8.25 -13.29 18.83
N ASP A 257 -8.61 -14.03 19.87
CA ASP A 257 -7.63 -14.67 20.74
C ASP A 257 -7.75 -16.20 20.70
N GLY A 258 -6.82 -16.85 20.03
CA GLY A 258 -6.86 -18.31 19.93
C GLY A 258 -6.18 -19.10 21.04
N ALA A 259 -5.61 -18.40 22.03
CA ALA A 259 -4.91 -19.06 23.15
C ALA A 259 -5.79 -19.27 24.37
N LEU A 260 -7.03 -18.81 24.31
CA LEU A 260 -7.97 -18.92 25.43
C LEU A 260 -8.32 -20.35 25.80
N ARG A 261 -8.38 -20.62 27.10
CA ARG A 261 -8.73 -21.95 27.59
C ARG A 261 -10.24 -22.11 27.55
N PRO A 262 -10.71 -23.37 27.49
CA PRO A 262 -12.14 -23.62 27.46
C PRO A 262 -12.88 -22.98 28.61
N GLY A 263 -12.25 -22.98 29.78
CA GLY A 263 -12.88 -22.42 30.97
C GLY A 263 -12.60 -20.96 31.20
N ALA A 264 -12.05 -20.29 30.18
CA ALA A 264 -11.74 -18.85 30.27
C ALA A 264 -13.07 -18.14 30.51
N ASP A 265 -13.09 -17.21 31.45
CA ASP A 265 -14.32 -16.53 31.82
C ASP A 265 -14.04 -15.05 32.10
N THR A 266 -14.71 -14.16 31.36
CA THR A 266 -14.50 -12.72 31.53
C THR A 266 -15.76 -11.88 31.67
N TRP A 267 -15.62 -10.82 32.48
CA TRP A 267 -16.65 -9.83 32.74
C TRP A 267 -15.96 -8.50 32.54
N ARG A 268 -16.59 -7.60 31.79
CA ARG A 268 -15.99 -6.28 31.58
C ARG A 268 -17.07 -5.22 31.61
N ILE A 269 -16.74 -4.09 32.23
CA ILE A 269 -17.67 -2.99 32.28
C ILE A 269 -17.02 -1.77 31.62
N ALA A 270 -17.74 -1.17 30.68
CA ALA A 270 -17.27 0.01 29.94
C ALA A 270 -18.29 1.11 30.12
N SER A 271 -17.83 2.32 30.42
CA SER A 271 -18.75 3.40 30.60
C SER A 271 -18.12 4.77 30.48
N TYR A 272 -18.77 5.62 29.69
CA TYR A 272 -18.31 6.98 29.50
C TYR A 272 -19.48 7.93 29.27
N GLY A 273 -19.23 9.20 29.50
CA GLY A 273 -20.23 10.20 29.30
C GLY A 273 -19.60 11.49 28.89
N THR A 274 -20.38 12.34 28.23
CA THR A 274 -19.91 13.64 27.75
C THR A 274 -20.87 14.71 28.27
N THR A 275 -20.32 15.84 28.76
CA THR A 275 -21.16 16.93 29.24
C THR A 275 -20.44 18.25 29.35
N PRO A 276 -21.13 19.35 28.99
CA PRO A 276 -20.51 20.69 29.08
C PRO A 276 -20.74 21.22 30.49
N LEU A 277 -19.67 21.68 31.14
CA LEU A 277 -19.75 22.23 32.50
C LEU A 277 -20.18 23.68 32.50
N SER A 278 -19.98 24.33 31.35
CA SER A 278 -20.34 25.73 31.09
C SER A 278 -20.11 25.92 29.58
N GLU A 279 -20.19 27.16 29.10
CA GLU A 279 -20.00 27.44 27.67
C GLU A 279 -18.50 27.47 27.28
N ASN A 280 -17.64 27.08 28.23
CA ASN A 280 -16.20 27.04 27.98
C ASN A 280 -15.50 25.73 28.45
N TRP A 281 -16.11 25.04 29.42
CA TRP A 281 -15.58 23.78 29.96
C TRP A 281 -16.40 22.54 29.62
N SER A 282 -15.72 21.52 29.12
CA SER A 282 -16.38 20.24 28.78
C SER A 282 -15.61 19.12 29.49
N VAL A 283 -16.35 18.13 29.99
CA VAL A 283 -15.72 17.04 30.68
C VAL A 283 -16.17 15.67 30.15
N ALA A 284 -15.22 14.75 30.03
CA ALA A 284 -15.56 13.42 29.56
C ALA A 284 -14.91 12.35 30.43
N PRO A 285 -15.63 11.88 31.46
CA PRO A 285 -15.04 10.85 32.31
C PRO A 285 -15.21 9.49 31.62
N ALA A 286 -14.35 8.53 31.95
CA ALA A 286 -14.49 7.20 31.36
C ALA A 286 -14.00 6.10 32.31
N MET A 287 -14.53 4.90 32.15
CA MET A 287 -14.11 3.80 33.00
C MET A 287 -14.15 2.49 32.25
N LEU A 288 -13.15 1.67 32.52
CA LEU A 288 -12.99 0.36 31.91
C LEU A 288 -12.42 -0.51 33.03
N ALA A 289 -13.11 -1.62 33.30
CA ALA A 289 -12.69 -2.54 34.35
C ALA A 289 -12.96 -3.93 33.85
N GLN A 290 -12.06 -4.86 34.18
CA GLN A 290 -12.23 -6.24 33.73
C GLN A 290 -11.72 -7.23 34.76
N ARG A 291 -12.34 -8.41 34.77
CA ARG A 291 -11.96 -9.52 35.66
C ARG A 291 -11.97 -10.74 34.75
N SER A 292 -10.79 -11.34 34.57
CA SER A 292 -10.67 -12.51 33.71
C SER A 292 -10.00 -13.67 34.49
N LYS A 293 -10.62 -14.85 34.46
CA LYS A 293 -10.12 -16.03 35.18
C LYS A 293 -9.87 -17.23 34.27
N ASP A 294 -8.86 -18.04 34.60
CA ASP A 294 -8.54 -19.26 33.83
C ASP A 294 -8.45 -18.94 32.34
N ARG A 295 -7.94 -17.75 32.08
CA ARG A 295 -7.82 -17.26 30.74
C ARG A 295 -6.83 -18.04 29.88
N TYR A 296 -5.55 -17.99 30.23
CA TYR A 296 -4.52 -18.68 29.45
C TYR A 296 -3.95 -19.86 30.23
N ALA A 297 -3.92 -19.70 31.54
CA ALA A 297 -3.40 -20.74 32.42
C ALA A 297 -4.42 -21.03 33.52
N ASP A 298 -4.51 -22.31 33.87
CA ASP A 298 -5.40 -22.81 34.90
C ASP A 298 -5.15 -22.05 36.21
N GLY A 299 -6.20 -21.48 36.79
CA GLY A 299 -6.03 -20.76 38.04
C GLY A 299 -5.51 -19.33 37.87
N ASP A 300 -5.29 -18.87 36.64
CA ASP A 300 -4.81 -17.48 36.49
C ASP A 300 -5.92 -16.46 36.77
N SER A 301 -5.54 -15.20 36.83
CA SER A 301 -6.51 -14.18 37.11
C SER A 301 -5.94 -12.83 36.72
N TYR A 302 -6.74 -12.07 35.98
CA TYR A 302 -6.35 -10.74 35.54
C TYR A 302 -7.48 -9.81 35.99
N GLN A 303 -7.13 -8.75 36.71
CA GLN A 303 -8.11 -7.78 37.17
C GLN A 303 -7.52 -6.40 37.17
N TRP A 304 -8.21 -5.46 36.52
CA TRP A 304 -7.75 -4.08 36.46
C TRP A 304 -8.92 -3.14 36.23
N ALA A 305 -8.71 -1.89 36.58
CA ALA A 305 -9.72 -0.87 36.41
C ALA A 305 -9.02 0.42 36.04
N THR A 306 -9.46 1.01 34.94
CA THR A 306 -8.91 2.28 34.48
C THR A 306 -9.95 3.37 34.66
N PHE A 307 -9.49 4.56 35.03
CA PHE A 307 -10.34 5.71 35.14
C PHE A 307 -9.66 6.84 34.38
N ASN A 308 -10.28 7.28 33.29
CA ASN A 308 -9.73 8.38 32.49
C ASN A 308 -10.64 9.59 32.62
N LEU A 309 -10.04 10.77 32.64
CA LEU A 309 -10.81 11.99 32.74
C LEU A 309 -10.21 13.05 31.83
N ARG A 310 -10.93 13.35 30.74
CA ARG A 310 -10.54 14.36 29.74
C ARG A 310 -11.37 15.65 29.96
N LEU A 311 -10.66 16.78 30.08
CA LEU A 311 -11.26 18.10 30.28
C LEU A 311 -10.76 19.08 29.22
N ILE A 312 -11.67 19.84 28.61
CA ILE A 312 -11.24 20.87 27.63
C ILE A 312 -11.76 22.23 28.06
N GLN A 313 -10.89 23.23 27.99
CA GLN A 313 -11.24 24.60 28.34
C GLN A 313 -11.03 25.54 27.16
N ALA A 314 -12.13 25.94 26.53
CA ALA A 314 -12.06 26.85 25.40
C ALA A 314 -11.50 28.19 25.86
N ILE A 315 -10.70 28.81 25.01
CA ILE A 315 -10.09 30.11 25.30
C ILE A 315 -10.37 31.05 24.12
N ASN A 316 -10.37 30.49 22.92
CA ASN A 316 -10.63 31.21 21.68
C ASN A 316 -11.55 30.35 20.89
N GLN A 317 -11.81 30.83 19.69
CA GLN A 317 -12.61 30.12 18.73
C GLN A 317 -11.65 29.01 18.22
N ASN A 318 -10.34 29.28 18.31
CA ASN A 318 -9.30 28.36 17.82
C ASN A 318 -8.35 27.76 18.84
N PHE A 319 -8.32 28.30 20.05
CA PHE A 319 -7.39 27.78 21.05
C PHE A 319 -8.10 27.19 22.26
N ALA A 320 -7.56 26.09 22.76
CA ALA A 320 -8.13 25.41 23.93
C ALA A 320 -7.03 24.81 24.80
N LEU A 321 -7.39 24.50 26.05
CA LEU A 321 -6.44 23.86 26.96
C LEU A 321 -7.06 22.52 27.35
N ALA A 322 -6.46 21.42 26.89
CA ALA A 322 -6.96 20.09 27.22
C ALA A 322 -6.16 19.49 28.40
N TYR A 323 -6.86 18.73 29.23
CA TYR A 323 -6.24 18.10 30.39
C TYR A 323 -6.73 16.66 30.45
N GLU A 324 -5.83 15.76 30.84
CA GLU A 324 -6.18 14.35 30.98
C GLU A 324 -5.56 13.78 32.22
N GLY A 325 -6.35 12.96 32.91
CA GLY A 325 -5.92 12.31 34.13
C GLY A 325 -6.29 10.86 34.03
N SER A 326 -5.29 9.99 34.18
CA SER A 326 -5.49 8.55 34.13
C SER A 326 -5.04 7.90 35.43
N TYR A 327 -5.87 6.97 35.88
CA TYR A 327 -5.58 6.21 37.06
C TYR A 327 -5.94 4.78 36.74
N GLN A 328 -5.04 3.86 37.05
CA GLN A 328 -5.28 2.45 36.80
C GLN A 328 -4.76 1.57 37.92
N TYR A 329 -5.57 0.59 38.30
CA TYR A 329 -5.18 -0.35 39.33
C TYR A 329 -5.24 -1.73 38.71
N MET A 330 -4.24 -2.54 39.01
CA MET A 330 -4.19 -3.89 38.48
C MET A 330 -3.64 -4.88 39.47
N ASP A 331 -4.13 -6.10 39.35
CA ASP A 331 -3.75 -7.23 40.20
C ASP A 331 -3.69 -8.36 39.19
N LEU A 332 -2.50 -8.66 38.71
CA LEU A 332 -2.35 -9.69 37.72
C LEU A 332 -1.64 -10.93 38.29
N LYS A 333 -2.17 -12.10 37.96
CA LYS A 333 -1.65 -13.38 38.42
C LYS A 333 -1.64 -14.32 37.23
N PRO A 334 -0.59 -14.23 36.41
CA PRO A 334 -0.36 -15.02 35.20
C PRO A 334 -0.06 -16.50 35.34
N GLU A 335 0.34 -16.93 36.55
CA GLU A 335 0.67 -18.34 36.79
C GLU A 335 1.75 -18.86 35.82
N GLY A 336 2.83 -18.09 35.65
CA GLY A 336 3.91 -18.48 34.76
C GLY A 336 3.73 -18.38 33.24
N TYR A 337 2.52 -18.04 32.77
CA TYR A 337 2.24 -17.92 31.32
C TYR A 337 3.14 -16.84 30.71
N ASN A 338 3.84 -17.19 29.62
CA ASN A 338 4.73 -16.24 28.93
C ASN A 338 5.79 -15.59 29.83
N ASP A 339 6.19 -16.28 30.90
CA ASP A 339 7.18 -15.74 31.84
C ASP A 339 6.72 -14.51 32.58
N ARG A 340 5.42 -14.30 32.65
CA ARG A 340 4.90 -13.14 33.36
C ARG A 340 4.91 -13.48 34.83
N GLN A 341 5.12 -12.48 35.67
CA GLN A 341 5.15 -12.65 37.10
C GLN A 341 3.98 -11.89 37.69
N ALA A 342 3.34 -12.46 38.71
CA ALA A 342 2.22 -11.84 39.39
C ALA A 342 2.64 -10.45 39.85
N VAL A 343 1.76 -9.48 39.64
CA VAL A 343 2.06 -8.11 40.01
C VAL A 343 0.77 -7.39 40.38
N ASN A 344 0.89 -6.35 41.18
CA ASN A 344 -0.25 -5.55 41.54
C ASN A 344 0.25 -4.16 41.89
N GLY A 345 -0.59 -3.15 41.64
CA GLY A 345 -0.22 -1.78 41.89
C GLY A 345 -1.01 -0.82 41.00
N SER A 346 -0.65 0.46 41.06
CA SER A 346 -1.34 1.46 40.27
C SER A 346 -0.44 2.30 39.37
N PHE A 347 -1.08 2.92 38.37
CA PHE A 347 -0.40 3.76 37.38
C PHE A 347 -1.10 5.12 37.29
N TYR A 348 -0.32 6.19 37.20
CA TYR A 348 -0.88 7.53 37.13
C TYR A 348 -0.36 8.27 35.88
N LYS A 349 -1.22 9.08 35.26
CA LYS A 349 -0.83 9.90 34.10
C LYS A 349 -1.53 11.26 34.15
N LEU A 350 -0.76 12.32 34.09
CA LEU A 350 -1.29 13.67 34.09
C LEU A 350 -0.75 14.33 32.84
N THR A 351 -1.63 14.84 31.99
CA THR A 351 -1.23 15.49 30.75
C THR A 351 -1.90 16.86 30.60
N PHE A 352 -1.11 17.83 30.17
CA PHE A 352 -1.59 19.17 29.93
C PHE A 352 -1.34 19.38 28.43
N ALA A 353 -2.39 19.74 27.67
CA ALA A 353 -2.20 19.88 26.22
C ALA A 353 -2.76 21.10 25.49
N PRO A 354 -1.96 22.18 25.33
CA PRO A 354 -2.44 23.37 24.61
C PRO A 354 -2.87 22.87 23.21
N THR A 355 -4.15 23.03 22.88
CA THR A 355 -4.71 22.54 21.62
C THR A 355 -5.22 23.61 20.67
N PHE A 356 -4.95 23.44 19.38
CA PHE A 356 -5.43 24.36 18.36
C PHE A 356 -6.42 23.66 17.46
N LYS A 357 -7.51 24.33 17.12
CA LYS A 357 -8.51 23.73 16.23
C LYS A 357 -9.41 24.79 15.61
N VAL A 358 -10.23 24.38 14.64
CA VAL A 358 -11.17 25.30 13.98
C VAL A 358 -12.63 24.97 14.31
N GLY A 359 -12.90 23.70 14.56
CA GLY A 359 -14.25 23.25 14.88
C GLY A 359 -14.70 23.56 16.29
N SER A 360 -15.89 23.05 16.63
CA SER A 360 -16.47 23.26 17.94
C SER A 360 -15.61 22.72 19.08
N ILE A 361 -14.97 23.61 19.82
CA ILE A 361 -14.14 23.22 20.96
C ILE A 361 -14.88 22.39 22.04
N GLY A 362 -16.19 22.58 22.14
CA GLY A 362 -16.96 21.85 23.13
C GLY A 362 -17.28 20.44 22.69
N ASP A 363 -17.17 20.21 21.38
CA ASP A 363 -17.42 18.89 20.81
C ASP A 363 -16.11 18.10 20.98
N PHE A 364 -16.21 16.98 21.69
CA PHE A 364 -15.02 16.14 21.88
C PHE A 364 -14.68 15.44 20.60
N PHE A 365 -15.59 15.46 19.64
CA PHE A 365 -15.38 14.78 18.36
C PHE A 365 -15.11 15.65 17.14
N SER A 366 -14.98 16.96 17.33
CA SER A 366 -14.66 17.82 16.19
C SER A 366 -13.15 17.56 16.04
N ARG A 367 -12.75 16.97 14.92
CA ARG A 367 -11.35 16.55 14.80
C ARG A 367 -10.16 17.31 14.38
N PRO A 368 -10.17 17.99 13.22
CA PRO A 368 -8.90 18.68 12.92
C PRO A 368 -8.36 19.45 14.14
N GLU A 369 -7.39 18.84 14.83
CA GLU A 369 -6.77 19.48 15.96
C GLU A 369 -5.30 19.13 16.07
N ILE A 370 -4.53 20.13 16.49
CA ILE A 370 -3.09 20.06 16.65
C ILE A 370 -2.76 20.38 18.11
N ARG A 371 -2.08 19.46 18.79
CA ARG A 371 -1.75 19.70 20.18
C ARG A 371 -0.29 19.61 20.57
N PHE A 372 0.10 20.47 21.50
CA PHE A 372 1.44 20.51 22.10
C PHE A 372 1.15 19.96 23.49
N TYR A 373 2.12 19.33 24.13
CA TYR A 373 1.84 18.77 25.45
C TYR A 373 3.01 18.44 26.36
N THR A 374 2.66 18.05 27.58
CA THR A 374 3.62 17.63 28.59
C THR A 374 2.87 16.59 29.40
N SER A 375 3.55 15.51 29.72
CA SER A 375 2.94 14.47 30.53
C SER A 375 3.89 14.03 31.60
N TRP A 376 3.30 13.54 32.67
CA TRP A 376 4.03 13.02 33.82
C TRP A 376 3.36 11.69 34.12
N MET A 377 4.19 10.68 34.33
CA MET A 377 3.72 9.35 34.66
C MET A 377 4.51 8.78 35.83
N ASP A 378 3.86 7.97 36.64
CA ASP A 378 4.51 7.33 37.76
C ASP A 378 3.69 6.12 38.12
N TRP A 379 4.34 5.13 38.72
CA TRP A 379 3.64 3.89 39.06
C TRP A 379 4.31 3.12 40.17
N SER A 380 3.61 2.12 40.70
CA SER A 380 4.13 1.24 41.74
C SER A 380 5.34 0.47 41.15
N LYS A 381 6.52 0.59 41.78
CA LYS A 381 7.74 -0.08 41.28
C LYS A 381 7.56 -1.57 41.03
N LYS A 382 6.67 -2.20 41.80
CA LYS A 382 6.41 -3.61 41.64
C LYS A 382 6.01 -3.99 40.21
N LEU A 383 5.28 -3.10 39.55
CA LEU A 383 4.79 -3.31 38.18
C LEU A 383 5.88 -3.64 37.17
N ASN A 384 7.08 -3.16 37.46
CA ASN A 384 8.23 -3.38 36.58
C ASN A 384 8.57 -4.86 36.42
N ASN A 385 8.15 -5.68 37.38
CA ASN A 385 8.48 -7.11 37.40
C ASN A 385 7.53 -8.02 36.66
N TYR A 386 6.44 -7.46 36.13
CA TYR A 386 5.46 -8.26 35.41
C TYR A 386 6.12 -8.96 34.24
N ALA A 387 7.02 -8.27 33.55
CA ALA A 387 7.71 -8.84 32.41
C ALA A 387 9.06 -8.15 32.30
N SER A 388 10.01 -8.75 31.58
CA SER A 388 11.34 -8.15 31.45
C SER A 388 11.56 -7.42 30.12
N ASP A 389 10.69 -7.69 29.14
CA ASP A 389 10.75 -7.06 27.82
C ASP A 389 9.59 -6.06 27.67
N ASP A 390 9.10 -5.65 28.83
CA ASP A 390 8.02 -4.69 29.06
C ASP A 390 8.52 -3.26 28.85
N ALA A 391 7.61 -2.31 29.01
CA ALA A 391 7.98 -0.92 28.90
C ALA A 391 8.36 -0.47 30.31
N LEU A 392 7.50 -0.75 31.28
CA LEU A 392 7.75 -0.35 32.67
C LEU A 392 8.94 -1.08 33.23
N GLY A 393 9.99 -0.35 33.57
CA GLY A 393 11.16 -1.01 34.11
C GLY A 393 12.29 -1.18 33.11
N SER A 394 12.02 -0.99 31.82
CA SER A 394 13.05 -1.08 30.80
C SER A 394 14.06 0.06 31.04
N ASP A 395 15.16 0.06 30.29
CA ASP A 395 16.19 1.08 30.47
C ASP A 395 15.66 2.50 30.27
N GLY A 396 15.79 3.32 31.31
CA GLY A 396 15.35 4.70 31.23
C GLY A 396 13.88 4.95 31.51
N PHE A 397 13.15 3.88 31.86
CA PHE A 397 11.72 4.00 32.13
C PHE A 397 11.37 3.11 33.33
N ASN A 398 12.10 3.30 34.42
CA ASN A 398 11.90 2.50 35.62
C ASN A 398 11.69 3.33 36.88
N SER A 399 12.20 4.56 36.83
CA SER A 399 12.10 5.50 37.95
C SER A 399 10.67 5.84 38.32
N GLY A 400 10.54 6.68 39.34
CA GLY A 400 9.24 7.14 39.77
C GLY A 400 8.68 8.02 38.66
N GLY A 401 8.99 9.32 38.73
CA GLY A 401 8.48 10.26 37.74
C GLY A 401 9.13 10.25 36.37
N GLU A 402 8.30 10.33 35.34
CA GLU A 402 8.74 10.34 33.94
C GLU A 402 8.04 11.45 33.18
N TRP A 403 8.80 12.43 32.72
CA TRP A 403 8.27 13.56 31.96
C TRP A 403 8.38 13.36 30.45
N SER A 404 7.41 13.89 29.71
CA SER A 404 7.43 13.81 28.26
C SER A 404 6.88 15.08 27.62
N PHE A 405 7.34 15.39 26.39
CA PHE A 405 6.93 16.58 25.64
C PHE A 405 6.75 16.25 24.16
N GLY A 406 5.90 16.99 23.47
CA GLY A 406 5.70 16.73 22.05
C GLY A 406 4.63 17.52 21.36
N VAL A 407 4.43 17.21 20.08
CA VAL A 407 3.44 17.83 19.20
C VAL A 407 2.83 16.73 18.35
N GLN A 408 1.54 16.81 18.08
CA GLN A 408 0.92 15.80 17.24
C GLN A 408 -0.37 16.35 16.64
N MET A 409 -0.84 15.71 15.59
CA MET A 409 -2.09 16.09 14.97
C MET A 409 -2.96 14.84 14.99
N GLU A 410 -4.26 15.02 14.86
CA GLU A 410 -5.17 13.90 14.78
C GLU A 410 -6.41 14.41 14.08
N THR A 411 -6.94 13.62 13.13
CA THR A 411 -8.18 13.94 12.42
C THR A 411 -8.86 12.70 11.94
N TRP A 412 -10.07 12.94 11.45
CA TRP A 412 -10.91 11.96 10.84
C TRP A 412 -11.94 12.76 10.08
N PHE A 413 -12.39 12.17 8.98
CA PHE A 413 -13.35 12.78 8.07
C PHE A 413 -13.92 11.65 7.24
N SER B 1 -13.32 23.10 0.35
CA SER B 1 -13.66 22.16 -0.76
C SER B 1 -13.73 20.70 -0.25
N GLY B 2 -13.14 19.76 -0.98
CA GLY B 2 -13.18 18.37 -0.53
C GLY B 2 -11.89 17.58 -0.71
N PHE B 3 -11.99 16.61 -1.60
CA PHE B 3 -10.91 15.69 -1.91
C PHE B 3 -10.04 16.13 -3.07
N GLU B 4 -8.76 15.84 -2.97
CA GLU B 4 -7.83 16.15 -4.04
C GLU B 4 -6.82 15.02 -4.20
N PHE B 5 -6.51 14.71 -5.44
CA PHE B 5 -5.56 13.67 -5.75
C PHE B 5 -4.43 14.28 -6.54
N HIS B 6 -3.22 14.25 -5.99
CA HIS B 6 -2.01 14.76 -6.65
C HIS B 6 -0.96 13.65 -6.64
N GLY B 7 0.11 13.83 -7.40
CA GLY B 7 1.14 12.83 -7.44
C GLY B 7 2.25 13.07 -8.43
N TYR B 8 3.16 12.10 -8.49
CA TYR B 8 4.29 12.12 -9.39
C TYR B 8 4.48 10.68 -9.82
N ALA B 9 5.05 10.48 -11.01
CA ALA B 9 5.25 9.15 -11.52
C ALA B 9 6.15 9.10 -12.74
N ARG B 10 7.11 8.18 -12.70
CA ARG B 10 8.05 7.93 -13.79
C ARG B 10 7.95 6.40 -14.00
N SER B 11 8.09 5.98 -15.25
CA SER B 11 8.05 4.57 -15.56
C SER B 11 8.49 4.41 -16.97
N GLY B 12 9.49 3.55 -17.13
CA GLY B 12 10.04 3.30 -18.42
C GLY B 12 11.03 2.15 -18.47
N VAL B 13 11.64 2.03 -19.63
CA VAL B 13 12.56 0.98 -19.95
C VAL B 13 13.90 1.50 -20.48
N ILE B 14 14.99 0.81 -20.12
CA ILE B 14 16.33 1.13 -20.59
C ILE B 14 17.01 -0.22 -20.92
N MET B 15 17.58 -0.32 -22.12
CA MET B 15 18.28 -1.53 -22.55
C MET B 15 19.55 -1.08 -23.25
N ASN B 16 20.52 -1.98 -23.37
CA ASN B 16 21.77 -1.69 -24.06
C ASN B 16 21.62 -2.08 -25.52
N ASP B 17 22.72 -2.00 -26.27
CA ASP B 17 22.68 -2.33 -27.70
C ASP B 17 22.48 -3.82 -28.01
N SER B 18 22.42 -4.64 -26.97
CA SER B 18 22.22 -6.07 -27.17
C SER B 18 20.82 -6.48 -26.73
N GLY B 19 20.02 -5.48 -26.39
CA GLY B 19 18.67 -5.73 -25.93
C GLY B 19 18.64 -6.43 -24.57
N ALA B 20 19.57 -6.04 -23.71
CA ALA B 20 19.66 -6.64 -22.37
C ALA B 20 19.76 -5.54 -21.31
N SER B 21 19.77 -5.92 -20.03
CA SER B 21 19.86 -4.92 -18.98
C SER B 21 21.22 -4.22 -18.90
N THR B 22 21.21 -3.05 -18.26
CA THR B 22 22.40 -2.23 -18.04
C THR B 22 22.21 -1.47 -16.73
N LYS B 23 23.21 -0.67 -16.40
CA LYS B 23 23.20 0.16 -15.22
C LYS B 23 22.66 1.54 -15.61
N SER B 24 21.91 2.18 -14.71
CA SER B 24 21.34 3.48 -14.98
C SER B 24 21.01 4.12 -13.64
N GLY B 25 20.82 5.45 -13.61
CA GLY B 25 20.48 6.10 -12.38
C GLY B 25 21.16 7.44 -12.28
N ALA B 26 20.51 8.39 -11.60
CA ALA B 26 21.07 9.71 -11.45
C ALA B 26 22.28 9.66 -10.50
N TYR B 27 22.34 8.63 -9.67
CA TYR B 27 23.39 8.46 -8.66
C TYR B 27 24.31 7.26 -8.86
N ILE B 28 24.56 6.84 -10.10
CA ILE B 28 25.42 5.69 -10.32
C ILE B 28 26.91 5.87 -10.26
N THR B 29 27.41 7.09 -10.40
CA THR B 29 28.86 7.30 -10.33
C THR B 29 29.32 7.19 -8.87
N PRO B 30 30.62 6.88 -8.64
CA PRO B 30 31.15 6.76 -7.28
C PRO B 30 30.77 8.00 -6.46
N ALA B 31 30.80 9.17 -7.11
CA ALA B 31 30.45 10.44 -6.47
C ALA B 31 28.99 10.46 -5.95
N GLY B 32 28.16 9.57 -6.48
CA GLY B 32 26.77 9.48 -6.10
C GLY B 32 26.48 9.09 -4.67
N GLU B 33 27.39 8.35 -4.04
CA GLU B 33 27.18 7.92 -2.66
C GLU B 33 27.15 9.09 -1.70
N THR B 34 27.78 10.20 -2.11
CA THR B 34 27.80 11.39 -1.28
C THR B 34 26.95 12.51 -1.88
N GLY B 35 26.01 12.13 -2.74
CA GLY B 35 25.08 13.08 -3.35
C GLY B 35 25.43 13.58 -4.72
N GLY B 36 26.46 13.03 -5.35
CA GLY B 36 26.89 13.49 -6.66
C GLY B 36 26.07 13.01 -7.83
N ALA B 37 24.85 13.57 -7.92
CA ALA B 37 23.90 13.23 -8.97
C ALA B 37 24.31 13.70 -10.39
N ILE B 38 23.85 12.97 -11.41
CA ILE B 38 24.07 13.35 -12.82
C ILE B 38 22.72 13.37 -13.53
N GLY B 39 22.73 13.82 -14.77
CA GLY B 39 21.51 13.88 -15.54
C GLY B 39 20.68 12.61 -15.44
N ARG B 40 19.37 12.80 -15.39
CA ARG B 40 18.42 11.70 -15.29
C ARG B 40 17.74 11.32 -16.61
N LEU B 41 17.89 12.15 -17.64
CA LEU B 41 17.22 11.87 -18.90
C LEU B 41 17.72 10.58 -19.54
N GLY B 42 16.79 9.66 -19.76
CA GLY B 42 17.10 8.38 -20.35
C GLY B 42 18.07 7.63 -19.46
N ASN B 43 17.93 7.85 -18.15
CA ASN B 43 18.83 7.29 -17.14
C ASN B 43 18.10 6.92 -15.85
N GLN B 44 16.83 6.52 -15.98
CA GLN B 44 16.02 6.06 -14.85
C GLN B 44 15.08 5.00 -15.39
N ALA B 45 15.35 3.75 -15.03
CA ALA B 45 14.57 2.62 -15.50
C ALA B 45 13.61 2.10 -14.43
N ASP B 46 13.50 2.80 -13.31
CA ASP B 46 12.57 2.37 -12.26
C ASP B 46 11.13 2.92 -12.43
N THR B 47 10.18 2.26 -11.78
CA THR B 47 8.80 2.69 -11.82
C THR B 47 8.54 3.24 -10.42
N TYR B 48 8.72 4.55 -10.27
CA TYR B 48 8.55 5.25 -9.00
C TYR B 48 7.26 6.07 -9.04
N VAL B 49 6.47 5.94 -7.98
CA VAL B 49 5.16 6.59 -7.85
C VAL B 49 4.93 7.19 -6.46
N GLU B 50 4.35 8.39 -6.44
CA GLU B 50 3.97 9.08 -5.19
C GLU B 50 2.49 9.39 -5.33
N MET B 51 1.68 8.90 -4.39
CA MET B 51 0.24 9.11 -4.43
C MET B 51 -0.16 9.98 -3.27
N ASN B 52 -0.64 11.19 -3.57
CA ASN B 52 -1.03 12.15 -2.54
C ASN B 52 -2.55 12.28 -2.49
N LEU B 53 -3.13 11.84 -1.38
CA LEU B 53 -4.59 11.91 -1.17
C LEU B 53 -4.81 13.04 -0.16
N GLU B 54 -5.68 13.98 -0.50
CA GLU B 54 -5.91 15.07 0.40
C GLU B 54 -7.35 15.35 0.68
N HIS B 55 -7.57 15.95 1.84
CA HIS B 55 -8.89 16.35 2.27
C HIS B 55 -8.75 17.79 2.78
N LYS B 56 -9.15 18.72 1.90
CA LYS B 56 -9.10 20.16 2.14
C LYS B 56 -10.46 20.67 2.61
N GLN B 57 -10.44 21.77 3.34
CA GLN B 57 -11.67 22.36 3.85
C GLN B 57 -11.46 23.84 4.12
N THR B 58 -12.32 24.67 3.54
CA THR B 58 -12.23 26.11 3.76
C THR B 58 -13.49 26.54 4.50
N LEU B 59 -13.32 27.13 5.67
CA LEU B 59 -14.47 27.59 6.45
C LEU B 59 -14.88 29.02 6.06
N ASP B 60 -16.13 29.37 6.36
CA ASP B 60 -16.66 30.69 6.05
C ASP B 60 -15.83 31.88 6.57
N ASN B 61 -15.15 31.69 7.72
CA ASN B 61 -14.34 32.75 8.31
C ASN B 61 -12.94 32.90 7.69
N GLY B 62 -12.70 32.18 6.59
CA GLY B 62 -11.41 32.25 5.91
C GLY B 62 -10.41 31.19 6.37
N ALA B 63 -10.70 30.53 7.49
CA ALA B 63 -9.83 29.49 8.03
C ALA B 63 -9.85 28.19 7.20
N THR B 64 -8.66 27.68 6.91
CA THR B 64 -8.54 26.46 6.12
C THR B 64 -8.02 25.31 6.95
N THR B 65 -8.37 24.13 6.53
CA THR B 65 -8.00 22.89 7.19
C THR B 65 -7.46 22.03 6.06
N ARG B 66 -6.38 21.29 6.34
CA ARG B 66 -5.80 20.45 5.29
C ARG B 66 -5.10 19.21 5.78
N PHE B 67 -5.49 18.09 5.19
CA PHE B 67 -4.91 16.80 5.52
C PHE B 67 -4.36 16.13 4.27
N LYS B 68 -3.12 15.66 4.38
CA LYS B 68 -2.46 15.00 3.26
C LYS B 68 -1.73 13.72 3.70
N VAL B 69 -1.77 12.69 2.86
CA VAL B 69 -1.05 11.44 3.06
C VAL B 69 -0.33 11.18 1.77
N MET B 70 0.95 10.78 1.88
CA MET B 70 1.71 10.40 0.71
C MET B 70 2.05 8.92 0.84
N VAL B 71 1.75 8.16 -0.20
CA VAL B 71 2.05 6.74 -0.24
C VAL B 71 2.96 6.54 -1.45
N ALA B 72 4.20 6.13 -1.19
CA ALA B 72 5.14 5.94 -2.28
C ALA B 72 5.67 4.53 -2.49
N ASP B 73 6.22 4.30 -3.67
CA ASP B 73 6.80 3.02 -4.05
C ASP B 73 7.79 3.21 -5.19
N GLY B 74 8.83 2.37 -5.21
CA GLY B 74 9.83 2.41 -6.26
C GLY B 74 10.20 0.96 -6.55
N GLN B 75 10.17 0.56 -7.81
CA GLN B 75 10.50 -0.79 -8.24
C GLN B 75 11.43 -0.76 -9.45
N THR B 76 12.42 -1.67 -9.51
CA THR B 76 13.29 -1.71 -10.68
C THR B 76 12.74 -2.79 -11.63
N SER B 77 11.85 -3.62 -11.10
CA SER B 77 11.21 -4.70 -11.87
C SER B 77 10.21 -4.14 -12.90
N TYR B 78 10.09 -4.83 -14.03
CA TYR B 78 9.20 -4.44 -15.11
C TYR B 78 7.87 -5.16 -15.06
N ASN B 79 7.78 -6.19 -14.23
CA ASN B 79 6.58 -6.99 -14.13
C ASN B 79 5.34 -6.35 -13.54
N ASP B 80 4.19 -6.89 -13.93
CA ASP B 80 2.90 -6.39 -13.49
C ASP B 80 2.56 -6.71 -12.05
N TRP B 81 3.27 -7.65 -11.45
CA TRP B 81 2.98 -8.02 -10.06
C TRP B 81 4.31 -8.05 -9.34
N THR B 82 4.43 -7.18 -8.34
CA THR B 82 5.65 -7.05 -7.58
C THR B 82 5.42 -7.10 -6.08
N ALA B 83 4.56 -8.00 -5.62
CA ALA B 83 4.32 -8.12 -4.18
C ALA B 83 5.57 -8.47 -3.38
N SER B 84 6.34 -9.45 -3.85
CA SER B 84 7.55 -9.89 -3.16
C SER B 84 8.58 -8.82 -2.89
N THR B 85 8.73 -7.86 -3.81
CA THR B 85 9.70 -6.79 -3.66
C THR B 85 9.10 -5.39 -3.44
N SER B 86 7.81 -5.32 -3.12
CA SER B 86 7.11 -4.05 -2.93
C SER B 86 7.70 -3.12 -1.86
N ASP B 87 7.82 -1.84 -2.19
CA ASP B 87 8.34 -0.85 -1.23
C ASP B 87 7.30 0.20 -0.78
N LEU B 88 6.02 -0.12 -1.01
CA LEU B 88 4.88 0.73 -0.67
C LEU B 88 4.92 1.15 0.80
N ASN B 89 4.97 2.47 1.05
CA ASN B 89 5.02 2.98 2.40
C ASN B 89 4.46 4.40 2.53
N VAL B 90 3.98 4.75 3.72
CA VAL B 90 3.42 6.07 3.99
C VAL B 90 4.58 7.02 4.29
N ARG B 91 4.84 7.91 3.33
CA ARG B 91 5.91 8.88 3.40
C ARG B 91 5.52 10.13 4.18
N GLN B 92 4.23 10.47 4.17
CA GLN B 92 3.70 11.66 4.87
C GLN B 92 2.27 11.47 5.37
N ALA B 93 1.94 12.22 6.41
CA ALA B 93 0.62 12.21 7.02
C ALA B 93 0.63 13.38 7.95
N PHE B 94 0.11 14.52 7.47
CA PHE B 94 0.09 15.75 8.29
C PHE B 94 -1.17 16.59 8.16
N VAL B 95 -1.27 17.57 9.03
CA VAL B 95 -2.41 18.47 9.08
C VAL B 95 -1.94 19.92 9.10
N GLU B 96 -2.62 20.75 8.31
CA GLU B 96 -2.31 22.17 8.26
C GLU B 96 -3.55 22.98 8.59
N LEU B 97 -3.38 23.88 9.56
CA LEU B 97 -4.44 24.79 9.98
C LEU B 97 -3.95 26.18 9.52
N GLY B 98 -4.63 26.75 8.54
CA GLY B 98 -4.21 28.05 8.04
C GLY B 98 -5.21 29.16 8.17
N ASN B 99 -4.67 30.38 8.19
CA ASN B 99 -5.44 31.60 8.25
C ASN B 99 -6.50 31.54 9.35
N LEU B 100 -6.05 31.33 10.58
CA LEU B 100 -6.97 31.26 11.70
C LEU B 100 -7.37 32.68 12.12
N PRO B 101 -8.68 32.90 12.34
CA PRO B 101 -9.18 34.21 12.74
C PRO B 101 -8.50 34.72 14.01
N THR B 102 -8.18 33.78 14.88
CA THR B 102 -7.54 34.06 16.16
C THR B 102 -6.10 34.53 16.06
N PHE B 103 -5.44 34.26 14.94
CA PHE B 103 -4.04 34.66 14.74
C PHE B 103 -3.88 36.09 14.24
N ALA B 104 -3.30 36.95 15.08
CA ALA B 104 -3.11 38.35 14.71
C ALA B 104 -1.64 38.77 14.62
N GLY B 105 -1.40 40.03 14.32
CA GLY B 105 -0.04 40.54 14.22
C GLY B 105 0.76 39.81 13.16
N PRO B 106 2.02 39.47 13.45
CA PRO B 106 2.92 38.77 12.54
C PRO B 106 2.41 37.36 12.15
N PHE B 107 1.49 36.82 12.94
CA PHE B 107 0.91 35.50 12.71
C PHE B 107 -0.36 35.59 11.87
N LYS B 108 -0.61 36.76 11.30
CA LYS B 108 -1.83 36.98 10.51
C LYS B 108 -2.24 35.88 9.55
N GLY B 109 -1.49 35.71 8.46
CA GLY B 109 -1.89 34.69 7.51
C GLY B 109 -1.05 33.44 7.59
N SER B 110 -0.46 33.19 8.76
CA SER B 110 0.41 32.04 8.98
C SER B 110 -0.31 30.70 9.01
N THR B 111 0.42 29.64 8.71
CA THR B 111 -0.17 28.30 8.74
C THR B 111 0.58 27.33 9.67
N LEU B 112 -0.17 26.76 10.61
CA LEU B 112 0.32 25.81 11.61
C LEU B 112 0.24 24.37 11.08
N TRP B 113 1.21 23.53 11.42
CA TRP B 113 1.18 22.14 10.97
C TRP B 113 1.77 21.16 11.99
N ALA B 114 1.43 19.88 11.83
CA ALA B 114 1.96 18.81 12.68
C ALA B 114 1.79 17.46 11.99
N GLY B 115 2.74 16.56 12.22
CA GLY B 115 2.68 15.24 11.63
C GLY B 115 3.96 14.95 10.86
N LYS B 116 3.89 13.95 9.98
CA LYS B 116 5.03 13.54 9.18
C LYS B 116 4.88 14.16 7.79
N ARG B 117 5.87 14.97 7.40
CA ARG B 117 5.81 15.63 6.11
C ARG B 117 7.18 16.00 5.54
N PHE B 118 7.18 16.42 4.28
CA PHE B 118 8.39 16.98 3.65
C PHE B 118 8.09 18.48 3.86
N ASP B 119 9.09 19.25 4.31
CA ASP B 119 8.89 20.67 4.51
C ASP B 119 8.34 21.32 3.23
N ARG B 120 7.43 22.26 3.41
CA ARG B 120 6.81 22.95 2.27
C ARG B 120 7.85 23.70 1.44
N ASP B 121 8.84 24.29 2.10
CA ASP B 121 9.84 25.06 1.39
C ASP B 121 11.11 24.41 0.88
N ASN B 122 11.09 23.09 0.69
CA ASN B 122 12.25 22.40 0.13
C ASN B 122 12.18 22.74 -1.36
N PHE B 123 13.30 22.67 -2.05
CA PHE B 123 13.29 22.89 -3.49
C PHE B 123 14.33 21.97 -4.12
N ASP B 124 14.19 21.70 -5.42
CA ASP B 124 15.09 20.80 -6.09
C ASP B 124 15.66 21.32 -7.42
N ILE B 125 16.49 20.48 -8.03
CA ILE B 125 17.11 20.74 -9.32
C ILE B 125 16.62 19.52 -10.08
N HIS B 126 15.44 19.64 -10.67
CA HIS B 126 14.78 18.57 -11.39
C HIS B 126 15.54 17.65 -12.38
N TRP B 127 16.31 18.24 -13.29
CA TRP B 127 17.02 17.49 -14.32
C TRP B 127 18.09 16.53 -13.82
N ILE B 128 18.43 16.70 -12.55
CA ILE B 128 19.47 15.91 -11.95
C ILE B 128 18.95 14.99 -10.85
N ASP B 129 17.64 15.07 -10.61
CA ASP B 129 16.89 14.32 -9.60
C ASP B 129 17.46 14.50 -8.20
N SER B 130 17.74 15.74 -7.85
CA SER B 130 18.28 16.04 -6.54
C SER B 130 17.67 17.28 -5.93
N ASP B 131 17.30 17.19 -4.67
CA ASP B 131 16.80 18.36 -3.97
C ASP B 131 18.00 19.25 -3.69
N VAL B 132 17.75 20.50 -3.34
CA VAL B 132 18.82 21.41 -2.99
C VAL B 132 18.93 21.25 -1.47
N VAL B 133 17.77 21.29 -0.81
CA VAL B 133 17.63 21.09 0.63
C VAL B 133 16.44 20.14 0.77
N PHE B 134 16.48 19.22 1.73
CA PHE B 134 15.37 18.28 1.93
C PHE B 134 15.15 18.02 3.41
N LEU B 135 14.30 18.83 4.01
CA LEU B 135 13.95 18.70 5.40
C LEU B 135 12.65 17.88 5.47
N ALA B 136 12.71 16.68 6.05
CA ALA B 136 11.54 15.83 6.18
C ALA B 136 11.63 15.10 7.53
N GLY B 137 10.51 14.53 7.97
CA GLY B 137 10.48 13.86 9.26
C GLY B 137 9.14 14.10 9.96
N THR B 138 9.09 13.91 11.26
CA THR B 138 7.85 14.09 12.01
C THR B 138 8.04 15.16 13.04
N GLY B 139 7.09 16.08 13.14
CA GLY B 139 7.22 17.17 14.10
C GLY B 139 6.10 18.18 13.98
N GLY B 140 6.45 19.46 14.00
CA GLY B 140 5.45 20.49 13.88
C GLY B 140 6.10 21.84 13.73
N GLY B 141 5.30 22.83 13.32
CA GLY B 141 5.83 24.16 13.15
C GLY B 141 4.81 25.15 12.61
N ILE B 142 5.33 26.29 12.19
CA ILE B 142 4.50 27.35 11.66
C ILE B 142 5.18 27.97 10.44
N TYR B 143 4.39 28.26 9.42
CA TYR B 143 4.89 28.87 8.19
C TYR B 143 4.40 30.30 8.05
N ASP B 144 5.21 31.12 7.39
CA ASP B 144 4.91 32.52 7.09
C ASP B 144 4.58 33.46 8.26
N VAL B 145 5.55 33.68 9.14
CA VAL B 145 5.36 34.60 10.25
C VAL B 145 5.99 35.88 9.71
N LYS B 146 5.15 36.86 9.42
CA LYS B 146 5.56 38.14 8.87
C LYS B 146 5.99 39.17 9.92
N TRP B 147 7.19 39.70 9.77
CA TRP B 147 7.71 40.73 10.66
C TRP B 147 7.80 41.95 9.74
N ASN B 148 7.61 43.16 10.28
CA ASN B 148 7.71 44.41 9.50
C ASN B 148 7.18 44.38 8.03
N ASP B 149 6.45 43.32 7.67
CA ASP B 149 5.87 43.12 6.33
C ASP B 149 6.90 43.08 5.18
N GLY B 150 7.99 42.36 5.39
CA GLY B 150 9.04 42.25 4.37
C GLY B 150 10.08 41.21 4.76
N LEU B 151 9.78 40.50 5.84
CA LEU B 151 10.65 39.46 6.37
C LEU B 151 9.74 38.35 6.92
N ARG B 152 9.65 37.23 6.19
CA ARG B 152 8.84 36.10 6.66
C ARG B 152 9.75 35.02 7.21
N SER B 153 9.25 34.28 8.18
CA SER B 153 10.01 33.21 8.82
C SER B 153 9.20 31.97 9.03
N ASN B 154 9.92 30.84 9.04
CA ASN B 154 9.34 29.54 9.30
C ASN B 154 10.15 29.04 10.49
N PHE B 155 9.48 28.40 11.44
CA PHE B 155 10.11 27.83 12.60
C PHE B 155 9.56 26.41 12.74
N SER B 156 10.41 25.45 13.10
CA SER B 156 9.91 24.09 13.23
C SER B 156 10.78 23.13 13.99
N LEU B 157 10.17 22.03 14.41
CA LEU B 157 10.86 20.97 15.11
C LEU B 157 10.55 19.70 14.33
N TYR B 158 11.58 19.07 13.78
CA TYR B 158 11.43 17.81 13.05
C TYR B 158 12.23 16.73 13.75
N GLY B 159 11.61 15.58 13.94
CA GLY B 159 12.28 14.47 14.56
C GLY B 159 12.48 13.36 13.55
N ARG B 160 13.61 12.68 13.65
CA ARG B 160 13.97 11.55 12.78
C ARG B 160 14.53 10.38 13.62
N ASN B 161 14.92 9.31 12.94
CA ASN B 161 15.46 8.12 13.62
C ASN B 161 16.73 7.61 12.97
N PHE B 162 17.64 7.12 13.79
CA PHE B 162 18.88 6.52 13.29
C PHE B 162 18.85 5.07 13.74
N GLY B 163 19.32 4.17 12.91
CA GLY B 163 19.36 2.76 13.26
C GLY B 163 18.09 1.99 13.02
N ASP B 164 18.06 0.76 13.54
CA ASP B 164 16.90 -0.13 13.40
C ASP B 164 15.86 0.27 14.46
N ILE B 165 14.69 0.71 14.02
CA ILE B 165 13.62 1.15 14.92
C ILE B 165 13.16 0.06 15.89
N ASP B 166 13.34 -1.20 15.46
CA ASP B 166 12.96 -2.38 16.24
C ASP B 166 13.96 -2.76 17.34
N ASP B 167 15.24 -2.47 17.08
CA ASP B 167 16.32 -2.74 18.02
C ASP B 167 16.46 -1.54 18.96
N SER B 168 15.96 -1.67 20.18
CA SER B 168 16.04 -0.59 21.16
C SER B 168 17.47 -0.15 21.50
N SER B 169 18.45 -1.03 21.34
CA SER B 169 19.86 -0.69 21.63
C SER B 169 20.61 -0.06 20.43
N ASN B 170 20.03 -0.17 19.24
CA ASN B 170 20.60 0.40 18.01
C ASN B 170 19.61 1.39 17.37
N SER B 171 18.82 2.08 18.20
CA SER B 171 17.86 3.05 17.72
C SER B 171 17.99 4.37 18.47
N VAL B 172 18.07 5.46 17.72
CA VAL B 172 18.21 6.80 18.32
C VAL B 172 17.34 7.83 17.59
N GLN B 173 16.75 8.74 18.35
CA GLN B 173 15.96 9.81 17.77
C GLN B 173 16.83 11.06 17.62
N ASN B 174 16.73 11.67 16.45
CA ASN B 174 17.50 12.87 16.15
C ASN B 174 16.53 14.02 16.00
N TYR B 175 16.75 15.09 16.75
CA TYR B 175 15.85 16.21 16.63
C TYR B 175 16.50 17.37 15.93
N ILE B 176 15.70 18.07 15.14
CA ILE B 176 16.17 19.22 14.37
C ILE B 176 15.34 20.49 14.59
N LEU B 177 16.03 21.54 15.04
CA LEU B 177 15.40 22.83 15.24
C LEU B 177 15.84 23.73 14.10
N THR B 178 14.87 24.32 13.42
CA THR B 178 15.20 25.17 12.29
C THR B 178 14.40 26.47 12.16
N MET B 179 15.10 27.50 11.70
CA MET B 179 14.49 28.80 11.46
C MET B 179 14.83 29.09 10.00
N ASN B 180 13.80 29.33 9.20
CA ASN B 180 13.96 29.57 7.79
C ASN B 180 13.48 31.01 7.54
N HIS B 181 14.38 31.91 7.15
CA HIS B 181 14.03 33.31 6.92
C HIS B 181 14.10 33.76 5.49
N PHE B 182 13.09 34.53 5.08
CA PHE B 182 13.03 35.05 3.71
C PHE B 182 12.90 36.58 3.66
N ALA B 183 13.78 37.21 2.88
CA ALA B 183 13.80 38.66 2.69
C ALA B 183 13.95 38.89 1.19
N GLY B 184 12.81 38.93 0.50
CA GLY B 184 12.81 39.13 -0.95
C GLY B 184 13.32 37.90 -1.65
N PRO B 185 14.35 38.04 -2.51
CA PRO B 185 14.91 36.90 -3.24
C PRO B 185 15.93 36.13 -2.37
N LEU B 186 16.18 36.64 -1.18
CA LEU B 186 17.16 36.07 -0.28
C LEU B 186 16.62 35.11 0.76
N GLN B 187 17.36 34.01 0.95
CA GLN B 187 16.96 33.04 1.94
C GLN B 187 18.12 32.68 2.86
N MET B 188 17.81 32.51 4.13
CA MET B 188 18.79 32.16 5.12
C MET B 188 18.21 31.15 6.09
N MET B 189 18.65 29.90 5.95
CA MET B 189 18.19 28.80 6.79
C MET B 189 19.25 28.34 7.78
N VAL B 190 18.86 28.22 9.05
CA VAL B 190 19.77 27.75 10.09
C VAL B 190 19.10 26.65 10.92
N SER B 191 19.78 25.51 11.02
CA SER B 191 19.26 24.38 11.78
C SER B 191 20.26 23.82 12.77
N GLY B 192 19.74 23.39 13.90
CA GLY B 192 20.57 22.78 14.93
C GLY B 192 20.07 21.36 15.12
N LEU B 193 20.96 20.37 15.07
CA LEU B 193 20.50 18.99 15.25
C LEU B 193 21.15 18.27 16.43
N ARG B 194 20.41 17.30 16.98
CA ARG B 194 20.88 16.54 18.11
C ARG B 194 20.24 15.18 18.27
N ALA B 195 21.09 14.16 18.33
CA ALA B 195 20.67 12.78 18.52
C ALA B 195 21.53 12.28 19.67
N LYS B 196 20.97 12.35 20.86
CA LYS B 196 21.64 11.92 22.07
C LYS B 196 22.14 10.48 22.00
N ASP B 197 23.41 10.28 22.35
CA ASP B 197 24.05 8.96 22.37
C ASP B 197 23.99 8.20 21.07
N ASN B 198 24.14 8.93 19.98
CA ASN B 198 24.15 8.29 18.69
C ASN B 198 25.42 7.42 18.67
N ASP B 199 26.48 7.92 19.29
CA ASP B 199 27.76 7.23 19.34
C ASP B 199 27.77 5.98 20.22
N GLU B 200 26.68 5.74 20.93
CA GLU B 200 26.61 4.58 21.79
C GLU B 200 25.66 3.49 21.33
N ARG B 201 25.29 3.54 20.05
CA ARG B 201 24.40 2.53 19.47
C ARG B 201 25.19 1.25 19.26
N LYS B 202 24.69 0.16 19.84
CA LYS B 202 25.33 -1.13 19.72
C LYS B 202 24.57 -1.99 18.73
N ASP B 203 25.29 -2.60 17.80
CA ASP B 203 24.64 -3.46 16.82
C ASP B 203 24.09 -4.74 17.48
N SER B 204 23.48 -5.61 16.67
CA SER B 204 22.89 -6.86 17.17
C SER B 204 23.85 -7.74 17.98
N ASN B 205 25.15 -7.70 17.65
CA ASN B 205 26.17 -8.48 18.33
C ASN B 205 26.39 -7.98 19.77
N GLY B 206 26.70 -6.69 19.88
CA GLY B 206 26.96 -6.09 21.18
C GLY B 206 28.04 -5.05 21.05
N ASN B 207 28.58 -4.93 19.84
CA ASN B 207 29.64 -3.95 19.56
C ASN B 207 29.03 -2.61 19.18
N LEU B 208 29.85 -1.57 19.23
CA LEU B 208 29.40 -0.24 18.86
C LEU B 208 29.22 -0.23 17.33
N ALA B 209 28.10 0.33 16.88
CA ALA B 209 27.82 0.43 15.46
C ALA B 209 28.81 1.38 14.79
N LYS B 210 29.21 2.42 15.52
CA LYS B 210 30.18 3.40 15.06
C LYS B 210 31.19 3.81 16.13
N GLY B 211 30.74 4.47 17.18
CA GLY B 211 31.72 4.81 18.19
C GLY B 211 32.24 6.21 18.05
N ASP B 212 32.62 6.59 16.84
CA ASP B 212 33.09 7.95 16.62
C ASP B 212 32.03 8.81 15.90
N ALA B 213 30.78 8.35 15.92
CA ALA B 213 29.67 9.07 15.27
C ALA B 213 29.32 10.30 16.07
N ALA B 214 28.78 11.31 15.38
CA ALA B 214 28.38 12.56 16.00
C ALA B 214 27.03 12.50 16.69
N ASN B 215 26.89 13.33 17.72
CA ASN B 215 25.65 13.43 18.50
C ASN B 215 24.92 14.77 18.27
N THR B 216 25.61 15.73 17.67
CA THR B 216 25.03 17.04 17.41
C THR B 216 25.48 17.53 16.06
N GLY B 217 24.91 18.65 15.62
CA GLY B 217 25.27 19.21 14.33
C GLY B 217 24.69 20.58 14.07
N VAL B 218 25.18 21.24 13.03
CA VAL B 218 24.70 22.56 12.64
C VAL B 218 24.64 22.59 11.12
N HIS B 219 23.58 23.19 10.60
CA HIS B 219 23.36 23.28 9.17
C HIS B 219 22.94 24.69 8.80
N ALA B 220 23.42 25.18 7.66
CA ALA B 220 23.06 26.52 7.22
C ALA B 220 22.89 26.54 5.70
N LEU B 221 21.99 27.40 5.22
CA LEU B 221 21.71 27.55 3.79
C LEU B 221 21.53 29.03 3.47
N LEU B 222 22.19 29.47 2.41
CA LEU B 222 22.11 30.85 1.95
C LEU B 222 21.61 30.72 0.51
N GLY B 223 20.44 31.27 0.24
CA GLY B 223 19.90 31.15 -1.10
C GLY B 223 19.43 32.42 -1.77
N LEU B 224 19.49 32.40 -3.10
CA LEU B 224 19.09 33.53 -3.93
C LEU B 224 18.06 33.01 -4.91
N HIS B 225 16.86 33.56 -4.87
CA HIS B 225 15.78 33.14 -5.74
C HIS B 225 15.42 34.26 -6.71
N ASN B 226 15.96 34.16 -7.92
CA ASN B 226 15.75 35.17 -8.96
C ASN B 226 14.60 34.93 -9.92
N ASP B 227 13.96 36.03 -10.30
CA ASP B 227 12.86 35.97 -11.23
C ASP B 227 13.33 36.19 -12.66
N SER B 228 14.62 36.02 -12.86
CA SER B 228 15.22 36.17 -14.17
C SER B 228 16.28 35.10 -14.27
N PHE B 229 16.85 34.95 -15.46
CA PHE B 229 17.90 33.98 -15.66
C PHE B 229 19.20 34.63 -15.24
N TYR B 230 19.53 34.51 -13.96
CA TYR B 230 20.76 35.06 -13.40
C TYR B 230 20.90 36.57 -13.66
N GLY B 231 19.76 37.27 -13.70
CA GLY B 231 19.73 38.69 -13.93
C GLY B 231 20.21 39.23 -15.27
N LEU B 232 20.34 38.39 -16.28
CA LEU B 232 20.80 38.89 -17.56
C LEU B 232 20.03 38.42 -18.77
N ARG B 233 18.85 37.89 -18.53
CA ARG B 233 17.99 37.38 -19.59
C ARG B 233 16.72 36.93 -18.91
N ASP B 234 15.64 36.78 -19.68
CA ASP B 234 14.35 36.33 -19.14
C ASP B 234 14.44 34.89 -18.64
N GLY B 235 13.72 34.60 -17.57
CA GLY B 235 13.70 33.26 -17.03
C GLY B 235 13.64 33.22 -15.52
N SER B 236 14.41 32.29 -14.96
CA SER B 236 14.49 32.14 -13.51
C SER B 236 15.79 31.44 -13.16
N SER B 237 16.14 31.50 -11.89
CA SER B 237 17.35 30.88 -11.44
C SER B 237 17.34 30.84 -9.91
N LYS B 238 18.13 29.93 -9.36
CA LYS B 238 18.29 29.77 -7.92
C LYS B 238 19.74 29.36 -7.69
N THR B 239 20.34 29.98 -6.70
CA THR B 239 21.70 29.69 -6.32
C THR B 239 21.70 29.55 -4.80
N ALA B 240 22.20 28.42 -4.33
CA ALA B 240 22.24 28.15 -2.91
C ALA B 240 23.62 27.70 -2.46
N LEU B 241 23.99 28.15 -1.28
CA LEU B 241 25.25 27.80 -0.66
C LEU B 241 24.92 27.06 0.63
N LEU B 242 25.29 25.78 0.70
CA LEU B 242 25.04 24.98 1.91
C LEU B 242 26.29 24.63 2.71
N TYR B 243 26.12 24.63 4.01
CA TYR B 243 27.21 24.32 4.92
C TYR B 243 26.67 23.51 6.08
N GLY B 244 27.47 22.55 6.52
CA GLY B 244 27.08 21.69 7.63
C GLY B 244 28.27 21.09 8.36
N HIS B 245 28.07 20.84 9.65
CA HIS B 245 29.13 20.29 10.49
C HIS B 245 28.57 19.22 11.43
N GLY B 246 29.35 18.15 11.67
CA GLY B 246 28.88 17.08 12.53
C GLY B 246 27.71 16.40 11.85
N LEU B 247 26.60 16.22 12.58
CA LEU B 247 25.39 15.60 12.02
C LEU B 247 24.83 16.45 10.86
N GLY B 248 25.15 17.74 10.87
CA GLY B 248 24.69 18.64 9.82
C GLY B 248 25.53 18.53 8.56
N ALA B 249 26.61 17.73 8.56
CA ALA B 249 27.48 17.56 7.37
C ALA B 249 26.84 16.87 6.14
N GLU B 250 25.67 16.27 6.30
CA GLU B 250 24.95 15.75 5.14
C GLU B 250 23.97 16.94 4.89
N VAL B 251 24.38 17.81 3.97
CA VAL B 251 23.66 19.04 3.66
C VAL B 251 22.36 19.01 2.86
N LYS B 252 22.00 17.86 2.27
CA LYS B 252 20.76 17.74 1.52
C LYS B 252 19.69 17.16 2.42
N GLY B 253 19.84 15.89 2.77
CA GLY B 253 18.88 15.23 3.64
C GLY B 253 19.23 15.54 5.07
N ILE B 254 18.83 16.71 5.54
CA ILE B 254 19.11 17.14 6.90
C ILE B 254 18.72 16.11 7.97
N GLY B 255 19.71 15.70 8.77
CA GLY B 255 19.50 14.74 9.85
C GLY B 255 19.27 13.31 9.40
N SER B 256 19.62 13.00 8.15
CA SER B 256 19.41 11.66 7.59
C SER B 256 20.63 10.74 7.62
N ASP B 257 21.80 11.28 7.94
CA ASP B 257 23.00 10.47 8.00
C ASP B 257 23.51 10.30 9.44
N GLY B 258 23.34 9.10 9.99
CA GLY B 258 23.79 8.84 11.34
C GLY B 258 25.23 8.40 11.50
N ALA B 259 25.95 8.19 10.40
CA ALA B 259 27.36 7.75 10.45
C ALA B 259 28.39 8.87 10.41
N LEU B 260 27.94 10.13 10.38
CA LEU B 260 28.85 11.27 10.30
C LEU B 260 29.67 11.47 11.55
N ARG B 261 30.96 11.76 11.38
CA ARG B 261 31.83 12.01 12.53
C ARG B 261 31.57 13.44 13.03
N PRO B 262 31.98 13.74 14.28
CA PRO B 262 31.80 15.07 14.90
C PRO B 262 32.50 16.18 14.13
N GLY B 263 33.62 15.85 13.49
CA GLY B 263 34.36 16.86 12.76
C GLY B 263 34.01 16.92 11.28
N ALA B 264 32.97 16.19 10.86
CA ALA B 264 32.54 16.18 9.46
C ALA B 264 32.16 17.61 9.10
N ASP B 265 32.73 18.07 7.98
CA ASP B 265 32.55 19.44 7.49
C ASP B 265 32.21 19.45 5.99
N THR B 266 31.06 20.02 5.64
CA THR B 266 30.64 20.09 4.25
C THR B 266 30.18 21.46 3.73
N TRP B 267 30.56 21.73 2.49
CA TRP B 267 30.22 22.92 1.71
C TRP B 267 29.66 22.44 0.38
N ARG B 268 28.49 22.95 0.02
CA ARG B 268 27.91 22.56 -1.25
C ARG B 268 27.34 23.79 -1.95
N ILE B 269 27.49 23.82 -3.28
CA ILE B 269 26.94 24.90 -4.07
C ILE B 269 26.00 24.31 -5.11
N ALA B 270 24.77 24.82 -5.14
CA ALA B 270 23.73 24.37 -6.06
C ALA B 270 23.21 25.57 -6.85
N SER B 271 23.11 25.42 -8.16
CA SER B 271 22.65 26.51 -8.97
C SER B 271 22.11 26.05 -10.29
N TYR B 272 20.99 26.65 -10.69
CA TYR B 272 20.40 26.35 -11.97
C TYR B 272 19.59 27.56 -12.43
N GLY B 273 19.33 27.59 -13.74
CA GLY B 273 18.57 28.66 -14.33
C GLY B 273 17.77 28.13 -15.50
N THR B 274 16.72 28.87 -15.85
CA THR B 274 15.84 28.51 -16.95
C THR B 274 15.70 29.73 -17.84
N THR B 275 15.85 29.53 -19.15
CA THR B 275 15.71 30.59 -20.13
C THR B 275 15.41 30.14 -21.55
N PRO B 276 14.53 30.88 -22.25
CA PRO B 276 14.17 30.57 -23.64
C PRO B 276 15.16 31.28 -24.59
N LEU B 277 15.77 30.52 -25.50
CA LEU B 277 16.76 31.03 -26.46
C LEU B 277 16.09 31.67 -27.68
N SER B 278 14.86 31.23 -27.92
CA SER B 278 14.04 31.71 -29.01
C SER B 278 12.66 31.11 -28.71
N GLU B 279 11.72 31.25 -29.65
CA GLU B 279 10.37 30.72 -29.46
C GLU B 279 10.29 29.20 -29.66
N ASN B 280 11.44 28.57 -29.90
CA ASN B 280 11.51 27.14 -30.12
C ASN B 280 12.56 26.43 -29.25
N TRP B 281 13.58 27.16 -28.82
CA TRP B 281 14.63 26.60 -27.97
C TRP B 281 14.63 27.11 -26.54
N SER B 282 14.75 26.18 -25.60
CA SER B 282 14.82 26.48 -24.17
C SER B 282 16.04 25.77 -23.61
N VAL B 283 16.73 26.42 -22.69
CA VAL B 283 17.91 25.82 -22.10
C VAL B 283 17.91 25.91 -20.58
N ALA B 284 18.33 24.81 -19.94
CA ALA B 284 18.38 24.77 -18.49
C ALA B 284 19.71 24.21 -17.96
N PRO B 285 20.68 25.12 -17.74
CA PRO B 285 21.98 24.66 -17.23
C PRO B 285 21.88 24.44 -15.71
N ALA B 286 22.71 23.56 -15.16
CA ALA B 286 22.70 23.31 -13.71
C ALA B 286 24.06 22.90 -13.17
N MET B 287 24.33 23.26 -11.93
CA MET B 287 25.57 22.86 -11.30
C MET B 287 25.42 22.47 -9.82
N LEU B 288 26.12 21.40 -9.48
CA LEU B 288 26.12 20.87 -8.12
C LEU B 288 27.58 20.49 -7.85
N ALA B 289 28.15 21.05 -6.79
CA ALA B 289 29.54 20.76 -6.42
C ALA B 289 29.61 20.69 -4.92
N GLN B 290 30.47 19.79 -4.42
CA GLN B 290 30.62 19.60 -2.99
C GLN B 290 32.02 19.20 -2.54
N ARG B 291 32.37 19.65 -1.35
CA ARG B 291 33.64 19.38 -0.70
C ARG B 291 33.27 18.96 0.71
N SER B 292 33.57 17.71 1.07
CA SER B 292 33.24 17.18 2.38
C SER B 292 34.48 16.50 3.00
N LYS B 293 34.88 16.98 4.18
CA LYS B 293 36.07 16.48 4.88
C LYS B 293 35.77 15.81 6.22
N ASP B 294 36.58 14.82 6.59
CA ASP B 294 36.44 14.08 7.86
C ASP B 294 35.02 13.65 8.06
N ARG B 295 34.41 13.24 6.95
CA ARG B 295 33.03 12.82 6.92
C ARG B 295 32.72 11.53 7.70
N TYR B 296 33.20 10.39 7.20
CA TYR B 296 32.98 9.10 7.86
C TYR B 296 34.27 8.59 8.50
N ALA B 297 35.41 8.91 7.88
CA ALA B 297 36.71 8.50 8.38
C ALA B 297 37.62 9.72 8.53
N ASP B 298 38.35 9.77 9.63
CA ASP B 298 39.29 10.84 9.93
C ASP B 298 40.23 11.03 8.72
N GLY B 299 40.31 12.26 8.22
CA GLY B 299 41.18 12.55 7.10
C GLY B 299 40.63 12.19 5.73
N ASP B 300 39.37 11.76 5.67
CA ASP B 300 38.79 11.44 4.36
C ASP B 300 38.41 12.73 3.63
N SER B 301 38.11 12.59 2.36
CA SER B 301 37.75 13.74 1.57
C SER B 301 36.99 13.33 0.32
N TYR B 302 35.86 14.00 0.11
CA TYR B 302 35.02 13.75 -1.05
C TYR B 302 34.81 15.10 -1.73
N GLN B 303 35.14 15.16 -3.01
CA GLN B 303 34.99 16.38 -3.80
C GLN B 303 34.52 16.01 -5.18
N TRP B 304 33.47 16.66 -5.63
CA TRP B 304 32.94 16.42 -6.95
C TRP B 304 32.19 17.61 -7.46
N ALA B 305 32.00 17.67 -8.77
CA ALA B 305 31.30 18.75 -9.41
C ALA B 305 30.59 18.22 -10.64
N THR B 306 29.27 18.41 -10.66
CA THR B 306 28.41 18.00 -11.76
C THR B 306 27.93 19.22 -12.52
N PHE B 307 27.93 19.10 -13.85
CA PHE B 307 27.42 20.15 -14.71
C PHE B 307 26.41 19.47 -15.63
N ASN B 308 25.16 19.88 -15.54
CA ASN B 308 24.12 19.29 -16.38
C ASN B 308 23.55 20.35 -17.34
N LEU B 309 23.21 19.94 -18.54
CA LEU B 309 22.68 20.88 -19.50
C LEU B 309 21.53 20.25 -20.27
N ARG B 310 20.31 20.70 -19.94
CA ARG B 310 19.10 20.22 -20.62
C ARG B 310 18.67 21.27 -21.67
N LEU B 311 18.41 20.80 -22.90
CA LEU B 311 17.98 21.65 -24.02
C LEU B 311 16.73 21.05 -24.67
N ILE B 312 15.70 21.86 -24.93
CA ILE B 312 14.51 21.35 -25.64
C ILE B 312 14.23 22.21 -26.88
N GLN B 313 13.98 21.54 -28.00
CA GLN B 313 13.67 22.19 -29.25
C GLN B 313 12.26 21.79 -29.72
N ALA B 314 11.32 22.73 -29.66
CA ALA B 314 9.95 22.47 -30.09
C ALA B 314 9.92 22.34 -31.60
N ILE B 315 9.12 21.39 -32.08
CA ILE B 315 8.98 21.13 -33.50
C ILE B 315 7.50 21.23 -33.89
N ASN B 316 6.63 20.84 -32.96
CA ASN B 316 5.18 20.86 -33.12
C ASN B 316 4.64 21.43 -31.86
N GLN B 317 3.33 21.30 -31.76
CA GLN B 317 2.59 21.70 -30.60
C GLN B 317 2.71 20.50 -29.66
N ASN B 318 2.98 19.34 -30.27
CA ASN B 318 3.11 18.08 -29.54
C ASN B 318 4.45 17.38 -29.56
N PHE B 319 5.32 17.75 -30.49
CA PHE B 319 6.61 17.08 -30.60
C PHE B 319 7.82 17.96 -30.33
N ALA B 320 8.78 17.44 -29.57
CA ALA B 320 10.00 18.17 -29.25
C ALA B 320 11.21 17.25 -29.25
N LEU B 321 12.40 17.83 -29.35
CA LEU B 321 13.63 17.03 -29.30
C LEU B 321 14.40 17.56 -28.10
N ALA B 322 14.53 16.73 -27.06
CA ALA B 322 15.26 17.10 -25.86
C ALA B 322 16.67 16.53 -25.96
N TYR B 323 17.63 17.24 -25.37
CA TYR B 323 19.04 16.83 -25.36
C TYR B 323 19.55 17.06 -23.95
N GLU B 324 20.40 16.17 -23.47
CA GLU B 324 20.99 16.31 -22.16
C GLU B 324 22.49 15.99 -22.19
N GLY B 325 23.24 16.84 -21.50
CA GLY B 325 24.67 16.65 -21.43
C GLY B 325 25.08 16.76 -19.98
N SER B 326 25.76 15.71 -19.50
CA SER B 326 26.26 15.67 -18.14
C SER B 326 27.78 15.52 -18.10
N TYR B 327 28.41 16.30 -17.24
CA TYR B 327 29.84 16.22 -17.03
C TYR B 327 30.03 16.27 -15.54
N GLN B 328 30.89 15.40 -15.02
CA GLN B 328 31.17 15.35 -13.60
C GLN B 328 32.61 14.98 -13.31
N TYR B 329 33.21 15.70 -12.38
CA TYR B 329 34.57 15.39 -12.00
C TYR B 329 34.52 15.07 -10.51
N MET B 330 35.30 14.06 -10.11
CA MET B 330 35.35 13.66 -8.72
C MET B 330 36.75 13.26 -8.29
N ASP B 331 37.02 13.51 -7.02
CA ASP B 331 38.28 13.17 -6.39
C ASP B 331 37.83 12.64 -5.04
N LEU B 332 37.77 11.31 -4.92
CA LEU B 332 37.31 10.71 -3.69
C LEU B 332 38.42 9.97 -2.92
N LYS B 333 38.53 10.27 -1.63
CA LYS B 333 39.50 9.67 -0.74
C LYS B 333 38.76 9.21 0.52
N PRO B 334 38.21 7.99 0.47
CA PRO B 334 37.45 7.35 1.54
C PRO B 334 38.19 6.88 2.78
N GLU B 335 39.51 6.67 2.65
CA GLU B 335 40.36 6.21 3.75
C GLU B 335 39.93 4.87 4.36
N GLY B 336 39.68 3.88 3.50
CA GLY B 336 39.26 2.57 3.97
C GLY B 336 37.80 2.37 4.30
N TYR B 337 37.04 3.46 4.47
CA TYR B 337 35.60 3.36 4.80
C TYR B 337 34.85 2.52 3.79
N ASN B 338 34.11 1.52 4.28
CA ASN B 338 33.32 0.64 3.42
C ASN B 338 34.08 -0.06 2.31
N ASP B 339 35.40 -0.18 2.47
CA ASP B 339 36.23 -0.82 1.46
C ASP B 339 36.33 -0.02 0.19
N ARG B 340 36.10 1.28 0.29
CA ARG B 340 36.18 2.13 -0.88
C ARG B 340 37.64 2.49 -1.10
N GLN B 341 38.03 2.60 -2.36
CA GLN B 341 39.39 2.96 -2.71
C GLN B 341 39.36 4.36 -3.29
N ALA B 342 40.40 5.15 -3.00
CA ALA B 342 40.51 6.52 -3.49
C ALA B 342 40.47 6.50 -5.01
N VAL B 343 39.63 7.36 -5.58
CA VAL B 343 39.49 7.41 -7.02
C VAL B 343 39.32 8.83 -7.52
N ASN B 344 39.68 9.07 -8.77
CA ASN B 344 39.50 10.38 -9.36
C ASN B 344 39.39 10.22 -10.87
N GLY B 345 38.61 11.10 -11.48
CA GLY B 345 38.38 11.04 -12.92
C GLY B 345 37.07 11.74 -13.25
N SER B 346 36.63 11.61 -14.49
CA SER B 346 35.41 12.26 -14.91
C SER B 346 34.43 11.33 -15.60
N PHE B 347 33.16 11.76 -15.62
CA PHE B 347 32.07 11.00 -16.20
C PHE B 347 31.33 11.86 -17.25
N TYR B 348 30.98 11.25 -18.38
CA TYR B 348 30.28 11.96 -19.46
C TYR B 348 29.00 11.25 -19.88
N LYS B 349 27.92 12.03 -20.04
CA LYS B 349 26.63 11.49 -20.53
C LYS B 349 26.03 12.39 -21.60
N LEU B 350 25.64 11.79 -22.71
CA LEU B 350 25.02 12.49 -23.83
C LEU B 350 23.74 11.76 -24.13
N THR B 351 22.61 12.48 -24.08
CA THR B 351 21.31 11.87 -24.35
C THR B 351 20.49 12.69 -25.34
N PHE B 352 19.88 11.98 -26.29
CA PHE B 352 19.04 12.56 -27.31
C PHE B 352 17.65 11.95 -27.08
N ALA B 353 16.64 12.78 -26.83
CA ALA B 353 15.34 12.21 -26.55
C ALA B 353 14.11 12.79 -27.22
N PRO B 354 13.66 12.17 -28.33
CA PRO B 354 12.46 12.64 -29.01
C PRO B 354 11.33 12.59 -27.97
N THR B 355 10.69 13.74 -27.70
CA THR B 355 9.64 13.86 -26.68
C THR B 355 8.26 14.29 -27.17
N PHE B 356 7.21 13.62 -26.68
CA PHE B 356 5.83 13.93 -27.04
C PHE B 356 5.11 14.51 -25.82
N LYS B 357 4.33 15.57 -26.01
CA LYS B 357 3.58 16.17 -24.91
C LYS B 357 2.48 17.05 -25.46
N VAL B 358 1.60 17.53 -24.57
CA VAL B 358 0.50 18.40 -24.99
C VAL B 358 0.70 19.83 -24.49
N GLY B 359 1.30 19.95 -23.31
CA GLY B 359 1.55 21.23 -22.66
C GLY B 359 2.63 22.06 -23.31
N SER B 360 2.94 23.17 -22.64
CA SER B 360 3.93 24.12 -23.11
C SER B 360 5.31 23.51 -23.22
N ILE B 361 5.75 23.27 -24.45
CA ILE B 361 7.07 22.70 -24.68
C ILE B 361 8.22 23.56 -24.10
N GLY B 362 8.04 24.88 -24.12
CA GLY B 362 9.07 25.75 -23.58
C GLY B 362 9.13 25.72 -22.08
N ASP B 363 8.10 25.16 -21.43
CA ASP B 363 8.06 25.08 -19.97
C ASP B 363 8.69 23.76 -19.59
N PHE B 364 9.78 23.84 -18.85
CA PHE B 364 10.50 22.65 -18.42
C PHE B 364 9.70 21.88 -17.39
N PHE B 365 8.64 22.51 -16.88
CA PHE B 365 7.84 21.88 -15.86
C PHE B 365 6.46 21.38 -16.26
N SER B 366 6.07 21.56 -17.53
CA SER B 366 4.78 21.04 -18.01
C SER B 366 5.06 19.55 -18.05
N ARG B 367 4.26 18.75 -17.37
CA ARG B 367 4.63 17.37 -17.31
C ARG B 367 4.18 16.22 -18.13
N PRO B 368 2.87 16.02 -18.32
CA PRO B 368 2.58 14.84 -19.16
C PRO B 368 3.48 14.77 -20.41
N GLU B 369 4.50 13.92 -20.31
CA GLU B 369 5.41 13.73 -21.43
C GLU B 369 5.93 12.31 -21.52
N ILE B 370 6.00 11.85 -22.77
CA ILE B 370 6.46 10.53 -23.15
C ILE B 370 7.71 10.70 -24.01
N ARG B 371 8.81 10.09 -23.59
CA ARG B 371 10.03 10.20 -24.36
C ARG B 371 10.69 8.88 -24.77
N PHE B 372 11.28 8.90 -25.96
CA PHE B 372 12.03 7.79 -26.56
C PHE B 372 13.45 8.30 -26.49
N TYR B 373 14.43 7.42 -26.32
CA TYR B 373 15.80 7.92 -26.21
C TYR B 373 16.96 6.99 -26.51
N THR B 374 18.14 7.62 -26.54
CA THR B 374 19.42 6.97 -26.76
C THR B 374 20.43 7.74 -25.95
N SER B 375 21.26 7.02 -25.21
CA SER B 375 22.30 7.69 -24.44
C SER B 375 23.61 7.01 -24.64
N TRP B 376 24.66 7.77 -24.40
CA TRP B 376 26.01 7.29 -24.50
C TRP B 376 26.70 7.77 -23.22
N MET B 377 27.47 6.89 -22.61
CA MET B 377 28.20 7.22 -21.39
C MET B 377 29.61 6.66 -21.50
N ASP B 378 30.55 7.36 -20.88
CA ASP B 378 31.94 6.96 -20.84
C ASP B 378 32.53 7.61 -19.60
N TRP B 379 33.66 7.09 -19.13
CA TRP B 379 34.30 7.61 -17.93
C TRP B 379 35.72 7.10 -17.77
N SER B 380 36.49 7.78 -16.93
CA SER B 380 37.87 7.38 -16.63
C SER B 380 37.82 5.98 -16.02
N LYS B 381 38.57 5.04 -16.60
CA LYS B 381 38.61 3.65 -16.12
C LYS B 381 38.97 3.52 -14.64
N LYS B 382 39.69 4.50 -14.10
CA LYS B 382 40.06 4.45 -12.70
C LYS B 382 38.86 4.41 -11.78
N LEU B 383 37.78 5.06 -12.21
CA LEU B 383 36.53 5.12 -11.43
C LEU B 383 35.98 3.74 -11.05
N ASN B 384 36.27 2.73 -11.88
CA ASN B 384 35.82 1.36 -11.63
C ASN B 384 36.35 0.79 -10.32
N ASN B 385 37.46 1.33 -9.83
CA ASN B 385 38.08 0.82 -8.62
C ASN B 385 37.60 1.36 -7.27
N TYR B 386 36.65 2.29 -7.29
CA TYR B 386 36.12 2.87 -6.07
C TYR B 386 35.50 1.80 -5.19
N ALA B 387 34.76 0.89 -5.81
CA ALA B 387 34.10 -0.19 -5.10
C ALA B 387 34.02 -1.36 -6.03
N SER B 388 33.73 -2.56 -5.50
CA SER B 388 33.62 -3.76 -6.34
C SER B 388 32.17 -4.16 -6.62
N ASP B 389 31.24 -3.67 -5.80
CA ASP B 389 29.80 -3.91 -5.93
C ASP B 389 29.06 -2.69 -6.53
N ASP B 390 29.86 -1.81 -7.14
CA ASP B 390 29.51 -0.57 -7.83
C ASP B 390 28.85 -0.92 -9.17
N ALA B 391 28.45 0.12 -9.91
CA ALA B 391 27.88 -0.05 -11.23
C ALA B 391 29.04 0.06 -12.20
N LEU B 392 29.84 1.11 -12.07
CA LEU B 392 30.99 1.30 -12.96
C LEU B 392 32.00 0.19 -12.78
N GLY B 393 32.20 -0.62 -13.81
CA GLY B 393 33.17 -1.69 -13.70
C GLY B 393 32.54 -3.05 -13.46
N SER B 394 31.24 -3.09 -13.19
CA SER B 394 30.53 -4.34 -12.97
C SER B 394 30.51 -5.06 -14.31
N ASP B 395 30.05 -6.31 -14.31
CA ASP B 395 30.02 -7.07 -15.55
C ASP B 395 29.18 -6.42 -16.65
N GLY B 396 29.83 -6.14 -17.78
CA GLY B 396 29.13 -5.52 -18.90
C GLY B 396 28.97 -4.02 -18.85
N PHE B 397 29.58 -3.37 -17.87
CA PHE B 397 29.48 -1.93 -17.73
C PHE B 397 30.83 -1.41 -17.26
N ASN B 398 31.89 -1.84 -17.93
CA ASN B 398 33.23 -1.43 -17.55
C ASN B 398 33.99 -0.77 -18.66
N SER B 399 33.60 -1.08 -19.89
CA SER B 399 34.25 -0.55 -21.09
C SER B 399 34.16 0.98 -21.19
N GLY B 400 34.70 1.51 -22.29
CA GLY B 400 34.66 2.93 -22.53
C GLY B 400 33.21 3.33 -22.82
N GLY B 401 32.82 3.24 -24.08
CA GLY B 401 31.47 3.61 -24.46
C GLY B 401 30.35 2.64 -24.12
N GLU B 402 29.24 3.19 -23.63
CA GLU B 402 28.07 2.40 -23.27
C GLU B 402 26.82 3.05 -23.85
N TRP B 403 26.13 2.32 -24.74
CA TRP B 403 24.91 2.80 -25.38
C TRP B 403 23.66 2.27 -24.71
N SER B 404 22.60 3.07 -24.68
CA SER B 404 21.33 2.66 -24.09
C SER B 404 20.16 3.23 -24.88
N PHE B 405 19.02 2.53 -24.84
CA PHE B 405 17.81 2.93 -25.56
C PHE B 405 16.59 2.64 -24.69
N GLY B 406 15.50 3.36 -24.94
CA GLY B 406 14.30 3.11 -24.17
C GLY B 406 13.15 4.08 -24.38
N VAL B 407 12.09 3.88 -23.61
CA VAL B 407 10.88 4.69 -23.63
C VAL B 407 10.47 4.85 -22.16
N GLN B 408 9.95 6.02 -21.81
CA GLN B 408 9.49 6.25 -20.46
C GLN B 408 8.47 7.38 -20.46
N MET B 409 7.67 7.43 -19.39
CA MET B 409 6.71 8.49 -19.19
C MET B 409 7.06 9.14 -17.86
N GLU B 410 6.66 10.40 -17.70
CA GLU B 410 6.85 11.09 -16.44
C GLU B 410 5.77 12.15 -16.33
N THR B 411 5.16 12.27 -15.14
CA THR B 411 4.15 13.29 -14.85
C THR B 411 4.06 13.63 -13.38
N TRP B 412 3.33 14.70 -13.14
CA TRP B 412 3.00 15.17 -11.84
C TRP B 412 1.80 16.08 -12.05
N PHE B 413 0.95 16.10 -11.06
CA PHE B 413 -0.27 16.87 -11.10
C PHE B 413 -0.69 17.03 -9.63
N SER C 1 -11.41 16.36 -17.75
CA SER C 1 -12.16 16.22 -16.46
C SER C 1 -11.17 16.20 -15.29
N GLY C 2 -11.30 15.28 -14.34
CA GLY C 2 -10.37 15.24 -13.23
C GLY C 2 -9.96 13.86 -12.77
N PHE C 3 -10.34 13.56 -11.54
CA PHE C 3 -10.03 12.30 -10.88
C PHE C 3 -11.09 11.22 -11.07
N GLU C 4 -10.65 9.98 -11.14
CA GLU C 4 -11.54 8.85 -11.26
C GLU C 4 -11.06 7.66 -10.43
N PHE C 5 -12.01 6.98 -9.81
CA PHE C 5 -11.71 5.83 -9.00
C PHE C 5 -12.45 4.60 -9.55
N HIS C 6 -11.68 3.66 -10.09
CA HIS C 6 -12.18 2.39 -10.62
C HIS C 6 -11.56 1.21 -9.88
N GLY C 7 -12.15 0.04 -9.97
CA GLY C 7 -11.57 -1.08 -9.26
C GLY C 7 -12.29 -2.38 -9.41
N TYR C 8 -11.75 -3.40 -8.76
CA TYR C 8 -12.35 -4.73 -8.76
C TYR C 8 -12.14 -5.26 -7.37
N ALA C 9 -13.06 -6.10 -6.90
CA ALA C 9 -12.97 -6.68 -5.58
C ALA C 9 -13.88 -7.87 -5.36
N ARG C 10 -13.28 -8.91 -4.81
CA ARG C 10 -13.99 -10.14 -4.47
C ARG C 10 -13.62 -10.33 -2.99
N SER C 11 -14.55 -10.87 -2.20
CA SER C 11 -14.25 -11.12 -0.82
C SER C 11 -15.34 -12.03 -0.32
N GLY C 12 -14.93 -13.04 0.42
CA GLY C 12 -15.91 -13.98 0.92
C GLY C 12 -15.31 -15.12 1.69
N VAL C 13 -16.20 -16.02 2.10
CA VAL C 13 -15.88 -17.18 2.91
C VAL C 13 -16.33 -18.50 2.27
N ILE C 14 -15.54 -19.56 2.49
CA ILE C 14 -15.83 -20.91 2.01
C ILE C 14 -15.49 -21.87 3.14
N MET C 15 -16.42 -22.74 3.52
CA MET C 15 -16.20 -23.70 4.60
C MET C 15 -16.75 -25.04 4.16
N ASN C 16 -16.32 -26.12 4.82
CA ASN C 16 -16.83 -27.45 4.48
C ASN C 16 -18.01 -27.79 5.39
N ASP C 17 -18.55 -29.00 5.24
CA ASP C 17 -19.70 -29.42 6.05
C ASP C 17 -19.43 -29.52 7.56
N SER C 18 -18.18 -29.32 7.96
CA SER C 18 -17.82 -29.39 9.38
C SER C 18 -17.59 -28.01 9.96
N GLY C 19 -17.68 -26.99 9.10
CA GLY C 19 -17.46 -25.62 9.56
C GLY C 19 -15.98 -25.31 9.72
N ALA C 20 -15.16 -25.89 8.85
CA ALA C 20 -13.70 -25.70 8.90
C ALA C 20 -13.17 -25.40 7.50
N SER C 21 -11.89 -25.04 7.40
CA SER C 21 -11.32 -24.72 6.09
C SER C 21 -11.27 -25.86 5.08
N THR C 22 -11.12 -25.50 3.81
CA THR C 22 -11.01 -26.45 2.71
C THR C 22 -10.21 -25.80 1.59
N LYS C 23 -10.03 -26.54 0.51
CA LYS C 23 -9.30 -26.06 -0.63
C LYS C 23 -10.30 -25.49 -1.64
N SER C 24 -9.90 -24.41 -2.32
CA SER C 24 -10.76 -23.76 -3.30
C SER C 24 -9.87 -22.98 -4.26
N GLY C 25 -10.42 -22.60 -5.42
CA GLY C 25 -9.62 -21.85 -6.38
C GLY C 25 -9.85 -22.25 -7.80
N ALA C 26 -9.81 -21.29 -8.71
CA ALA C 26 -10.05 -21.59 -10.10
C ALA C 26 -8.95 -22.47 -10.65
N TYR C 27 -7.79 -22.45 -10.00
CA TYR C 27 -6.64 -23.24 -10.45
C TYR C 27 -6.18 -24.36 -9.50
N ILE C 28 -7.11 -25.01 -8.80
CA ILE C 28 -6.69 -26.04 -7.87
C ILE C 28 -6.41 -27.44 -8.39
N THR C 29 -6.88 -27.76 -9.59
CA THR C 29 -6.60 -29.07 -10.10
C THR C 29 -5.15 -29.10 -10.61
N PRO C 30 -4.58 -30.32 -10.76
CA PRO C 30 -3.22 -30.46 -11.26
C PRO C 30 -3.04 -29.68 -12.57
N ALA C 31 -4.08 -29.67 -13.40
CA ALA C 31 -4.03 -28.98 -14.71
C ALA C 31 -3.86 -27.47 -14.56
N GLY C 32 -4.19 -26.95 -13.38
CA GLY C 32 -4.10 -25.53 -13.10
C GLY C 32 -2.72 -24.90 -13.14
N GLU C 33 -1.70 -25.72 -12.94
CA GLU C 33 -0.32 -25.21 -12.96
C GLU C 33 0.05 -24.78 -14.36
N THR C 34 -0.61 -25.36 -15.35
CA THR C 34 -0.35 -24.97 -16.72
C THR C 34 -1.48 -24.11 -17.31
N GLY C 35 -2.31 -23.55 -16.43
CA GLY C 35 -3.40 -22.67 -16.83
C GLY C 35 -4.77 -23.29 -16.97
N GLY C 36 -4.95 -24.52 -16.48
CA GLY C 36 -6.23 -25.21 -16.58
C GLY C 36 -7.24 -24.81 -15.54
N ALA C 37 -7.72 -23.57 -15.65
CA ALA C 37 -8.72 -23.02 -14.73
C ALA C 37 -10.08 -23.71 -14.78
N ILE C 38 -10.78 -23.71 -13.66
CA ILE C 38 -12.14 -24.25 -13.58
C ILE C 38 -13.04 -23.14 -13.07
N GLY C 39 -14.34 -23.42 -13.03
CA GLY C 39 -15.29 -22.44 -12.56
C GLY C 39 -14.91 -21.81 -11.25
N ARG C 40 -15.19 -20.53 -11.12
CA ARG C 40 -14.87 -19.79 -9.92
C ARG C 40 -16.01 -19.55 -8.96
N LEU C 41 -17.25 -19.85 -9.35
CA LEU C 41 -18.39 -19.61 -8.47
C LEU C 41 -18.33 -20.45 -7.20
N GLY C 42 -18.44 -19.78 -6.05
CA GLY C 42 -18.40 -20.48 -4.78
C GLY C 42 -17.10 -21.24 -4.68
N ASN C 43 -16.06 -20.75 -5.36
CA ASN C 43 -14.74 -21.39 -5.39
C ASN C 43 -13.56 -20.41 -5.32
N GLN C 44 -13.70 -19.34 -4.54
CA GLN C 44 -12.66 -18.33 -4.30
C GLN C 44 -12.89 -17.76 -2.91
N ALA C 45 -12.02 -18.09 -1.97
CA ALA C 45 -12.15 -17.63 -0.60
C ALA C 45 -11.22 -16.48 -0.25
N ASP C 46 -10.47 -15.98 -1.24
CA ASP C 46 -9.56 -14.86 -1.02
C ASP C 46 -10.21 -13.49 -1.10
N THR C 47 -9.54 -12.51 -0.51
CA THR C 47 -9.99 -11.13 -0.53
C THR C 47 -9.01 -10.42 -1.44
N TYR C 48 -9.40 -10.32 -2.72
CA TYR C 48 -8.60 -9.70 -3.76
C TYR C 48 -9.15 -8.32 -4.14
N VAL C 49 -8.25 -7.33 -4.21
CA VAL C 49 -8.63 -5.98 -4.53
C VAL C 49 -7.68 -5.27 -5.51
N GLU C 50 -8.28 -4.56 -6.45
CA GLU C 50 -7.52 -3.77 -7.39
C GLU C 50 -8.09 -2.37 -7.24
N MET C 51 -7.24 -1.42 -6.91
CA MET C 51 -7.62 -0.03 -6.76
C MET C 51 -6.96 0.78 -7.84
N ASN C 52 -7.79 1.34 -8.72
CA ASN C 52 -7.34 2.18 -9.85
C ASN C 52 -7.63 3.67 -9.62
N LEU C 53 -6.56 4.44 -9.41
CA LEU C 53 -6.68 5.88 -9.20
C LEU C 53 -6.25 6.55 -10.50
N GLU C 54 -7.14 7.37 -11.07
CA GLU C 54 -6.82 8.04 -12.34
C GLU C 54 -6.88 9.55 -12.27
N HIS C 55 -6.18 10.16 -13.22
CA HIS C 55 -6.16 11.61 -13.37
C HIS C 55 -6.31 11.87 -14.87
N LYS C 56 -7.54 12.14 -15.30
CA LYS C 56 -7.84 12.40 -16.71
C LYS C 56 -7.81 13.90 -17.02
N GLN C 57 -7.70 14.25 -18.30
CA GLN C 57 -7.65 15.64 -18.71
C GLN C 57 -7.92 15.77 -20.19
N THR C 58 -8.96 16.53 -20.55
CA THR C 58 -9.30 16.74 -21.95
C THR C 58 -9.03 18.20 -22.24
N LEU C 59 -8.18 18.47 -23.23
CA LEU C 59 -7.88 19.84 -23.60
C LEU C 59 -8.90 20.34 -24.63
N ASP C 60 -8.95 21.66 -24.81
CA ASP C 60 -9.87 22.27 -25.76
C ASP C 60 -9.72 21.80 -27.21
N ASN C 61 -8.50 21.45 -27.61
CA ASN C 61 -8.26 20.99 -28.98
C ASN C 61 -8.58 19.52 -29.22
N GLY C 62 -9.26 18.89 -28.25
CA GLY C 62 -9.64 17.49 -28.36
C GLY C 62 -8.64 16.48 -27.82
N ALA C 63 -7.42 16.96 -27.55
CA ALA C 63 -6.33 16.14 -27.04
C ALA C 63 -6.58 15.74 -25.58
N THR C 64 -6.42 14.44 -25.31
CA THR C 64 -6.61 13.93 -23.98
C THR C 64 -5.31 13.46 -23.37
N THR C 65 -5.29 13.52 -22.05
CA THR C 65 -4.15 13.12 -21.25
C THR C 65 -4.76 12.18 -20.23
N ARG C 66 -4.07 11.08 -19.93
CA ARG C 66 -4.55 10.12 -18.94
C ARG C 66 -3.46 9.40 -18.15
N PHE C 67 -3.56 9.48 -16.84
CA PHE C 67 -2.63 8.82 -15.93
C PHE C 67 -3.41 7.87 -15.04
N LYS C 68 -2.89 6.66 -14.87
CA LYS C 68 -3.53 5.65 -14.04
C LYS C 68 -2.52 4.79 -13.23
N VAL C 69 -2.86 4.51 -11.95
CA VAL C 69 -2.06 3.65 -11.07
C VAL C 69 -2.95 2.52 -10.57
N MET C 70 -2.41 1.30 -10.55
CA MET C 70 -3.15 0.19 -10.00
C MET C 70 -2.36 -0.33 -8.80
N VAL C 71 -3.04 -0.41 -7.66
CA VAL C 71 -2.48 -0.92 -6.43
C VAL C 71 -3.35 -2.15 -6.10
N ALA C 72 -2.74 -3.33 -6.09
CA ALA C 72 -3.45 -4.57 -5.82
C ALA C 72 -2.96 -5.34 -4.60
N ASP C 73 -3.83 -6.21 -4.12
CA ASP C 73 -3.55 -7.08 -2.99
C ASP C 73 -4.48 -8.28 -3.00
N GLY C 74 -3.93 -9.43 -2.60
CA GLY C 74 -4.70 -10.67 -2.51
C GLY C 74 -4.34 -11.33 -1.19
N GLN C 75 -5.34 -11.64 -0.36
CA GLN C 75 -5.14 -12.28 0.94
C GLN C 75 -6.04 -13.52 1.12
N THR C 76 -5.50 -14.59 1.70
CA THR C 76 -6.37 -15.74 1.96
C THR C 76 -6.93 -15.62 3.39
N SER C 77 -6.25 -14.85 4.23
CA SER C 77 -6.68 -14.63 5.62
C SER C 77 -8.02 -13.90 5.71
N TYR C 78 -8.78 -14.17 6.77
CA TYR C 78 -10.08 -13.52 6.98
C TYR C 78 -9.98 -12.37 7.96
N ASN C 79 -8.82 -12.20 8.58
CA ASN C 79 -8.67 -11.16 9.59
C ASN C 79 -8.67 -9.74 9.08
N ASP C 80 -9.00 -8.84 10.01
CA ASP C 80 -9.09 -7.41 9.73
C ASP C 80 -7.75 -6.68 9.65
N TRP C 81 -6.67 -7.36 9.98
CA TRP C 81 -5.33 -6.77 9.94
C TRP C 81 -4.41 -7.81 9.36
N THR C 82 -3.84 -7.51 8.20
CA THR C 82 -2.97 -8.47 7.55
C THR C 82 -1.61 -7.89 7.15
N ALA C 83 -1.03 -7.08 8.02
CA ALA C 83 0.27 -6.48 7.72
C ALA C 83 1.40 -7.49 7.47
N SER C 84 1.45 -8.57 8.25
CA SER C 84 2.48 -9.58 8.16
C SER C 84 2.53 -10.32 6.84
N THR C 85 1.36 -10.53 6.22
CA THR C 85 1.26 -11.24 4.94
C THR C 85 0.75 -10.38 3.78
N SER C 86 0.82 -9.05 3.92
CA SER C 86 0.33 -8.17 2.88
C SER C 86 1.02 -8.27 1.53
N ASP C 87 0.24 -8.27 0.45
CA ASP C 87 0.82 -8.35 -0.90
C ASP C 87 0.63 -7.07 -1.71
N LEU C 88 0.26 -5.99 -1.03
CA LEU C 88 0.02 -4.69 -1.66
C LEU C 88 1.17 -4.27 -2.58
N ASN C 89 0.88 -4.11 -3.87
CA ASN C 89 1.91 -3.67 -4.82
C ASN C 89 1.35 -2.89 -5.98
N VAL C 90 2.20 -2.07 -6.57
CA VAL C 90 1.83 -1.26 -7.71
C VAL C 90 1.94 -2.10 -8.94
N ARG C 91 0.77 -2.44 -9.48
CA ARG C 91 0.62 -3.26 -10.68
C ARG C 91 0.79 -2.50 -11.97
N GLN C 92 0.35 -1.24 -11.99
CA GLN C 92 0.42 -0.36 -13.16
C GLN C 92 0.66 1.10 -12.79
N ALA C 93 1.27 1.82 -13.71
CA ALA C 93 1.55 3.25 -13.58
C ALA C 93 1.90 3.70 -14.99
N PHE C 94 0.91 4.22 -15.73
CA PHE C 94 1.15 4.65 -17.10
C PHE C 94 0.47 5.95 -17.50
N VAL C 95 0.85 6.43 -18.68
CA VAL C 95 0.35 7.66 -19.22
C VAL C 95 -0.08 7.41 -20.64
N GLU C 96 -1.25 7.94 -20.97
CA GLU C 96 -1.79 7.86 -22.32
C GLU C 96 -2.02 9.28 -22.87
N LEU C 97 -1.56 9.51 -24.09
CA LEU C 97 -1.75 10.78 -24.79
C LEU C 97 -2.63 10.43 -25.99
N GLY C 98 -3.90 10.83 -25.95
CA GLY C 98 -4.79 10.54 -27.04
C GLY C 98 -5.23 11.73 -27.87
N ASN C 99 -5.71 11.43 -29.08
CA ASN C 99 -6.22 12.39 -30.03
C ASN C 99 -5.39 13.68 -30.14
N LEU C 100 -4.10 13.52 -30.42
CA LEU C 100 -3.22 14.67 -30.57
C LEU C 100 -3.47 15.36 -31.92
N PRO C 101 -3.58 16.71 -31.92
CA PRO C 101 -3.83 17.47 -33.15
C PRO C 101 -2.78 17.26 -34.21
N THR C 102 -1.57 17.05 -33.76
CA THR C 102 -0.41 16.83 -34.60
C THR C 102 -0.39 15.49 -35.34
N PHE C 103 -1.17 14.52 -34.87
CA PHE C 103 -1.26 13.20 -35.48
C PHE C 103 -2.23 13.17 -36.64
N ALA C 104 -1.72 12.94 -37.84
CA ALA C 104 -2.58 12.90 -39.02
C ALA C 104 -2.54 11.55 -39.74
N GLY C 105 -3.31 11.43 -40.81
CA GLY C 105 -3.35 10.20 -41.58
C GLY C 105 -3.84 9.03 -40.76
N PRO C 106 -3.17 7.86 -40.87
CA PRO C 106 -3.51 6.64 -40.15
C PRO C 106 -3.42 6.76 -38.61
N PHE C 107 -2.70 7.79 -38.15
CA PHE C 107 -2.49 8.09 -36.73
C PHE C 107 -3.54 9.05 -36.20
N LYS C 108 -4.53 9.38 -37.01
CA LYS C 108 -5.57 10.32 -36.63
C LYS C 108 -6.08 10.20 -35.19
N GLY C 109 -6.86 9.17 -34.89
CA GLY C 109 -7.37 9.09 -33.53
C GLY C 109 -6.60 8.18 -32.62
N SER C 110 -5.34 7.93 -32.97
CA SER C 110 -4.50 7.04 -32.20
C SER C 110 -4.08 7.57 -30.83
N THR C 111 -3.80 6.63 -29.92
CA THR C 111 -3.36 6.95 -28.57
C THR C 111 -2.00 6.35 -28.21
N LEU C 112 -1.09 7.23 -27.79
CA LEU C 112 0.27 6.85 -27.41
C LEU C 112 0.33 6.54 -25.93
N TRP C 113 1.14 5.58 -25.53
CA TRP C 113 1.27 5.28 -24.12
C TRP C 113 2.69 4.88 -23.75
N ALA C 114 2.98 4.96 -22.46
CA ALA C 114 4.27 4.58 -21.89
C ALA C 114 4.10 4.34 -20.38
N GLY C 115 4.82 3.34 -19.87
CA GLY C 115 4.77 2.98 -18.47
C GLY C 115 4.49 1.49 -18.25
N LYS C 116 4.13 1.17 -17.02
CA LYS C 116 3.81 -0.21 -16.64
C LYS C 116 2.29 -0.33 -16.71
N ARG C 117 1.80 -1.30 -17.48
CA ARG C 117 0.36 -1.46 -17.65
C ARG C 117 -0.07 -2.83 -18.13
N PHE C 118 -1.38 -3.08 -18.10
CA PHE C 118 -1.94 -4.30 -18.66
C PHE C 118 -2.32 -3.74 -20.03
N ASP C 119 -2.12 -4.50 -21.10
CA ASP C 119 -2.46 -4.02 -22.43
C ASP C 119 -3.95 -3.71 -22.43
N ARG C 120 -4.36 -2.69 -23.17
CA ARG C 120 -5.74 -2.30 -23.22
C ARG C 120 -6.59 -3.40 -23.86
N ASP C 121 -6.06 -4.04 -24.90
CA ASP C 121 -6.82 -5.05 -25.61
C ASP C 121 -6.80 -6.52 -25.15
N ASN C 122 -6.37 -6.77 -23.92
CA ASN C 122 -6.41 -8.12 -23.40
C ASN C 122 -7.91 -8.37 -23.18
N PHE C 123 -8.33 -9.63 -23.11
CA PHE C 123 -9.72 -9.95 -22.85
C PHE C 123 -9.73 -11.27 -22.11
N ASP C 124 -10.76 -11.49 -21.30
CA ASP C 124 -10.85 -12.70 -20.48
C ASP C 124 -12.14 -13.52 -20.59
N ILE C 125 -12.18 -14.62 -19.85
CA ILE C 125 -13.34 -15.50 -19.76
C ILE C 125 -13.62 -15.42 -18.27
N HIS C 126 -14.48 -14.49 -17.89
CA HIS C 126 -14.80 -14.23 -16.52
C HIS C 126 -15.17 -15.36 -15.56
N TRP C 127 -16.07 -16.25 -15.97
CA TRP C 127 -16.55 -17.35 -15.12
C TRP C 127 -15.50 -18.35 -14.66
N ILE C 128 -14.37 -18.33 -15.34
CA ILE C 128 -13.27 -19.25 -15.08
C ILE C 128 -12.02 -18.52 -14.51
N ASP C 129 -12.14 -17.21 -14.33
CA ASP C 129 -11.06 -16.37 -13.82
C ASP C 129 -9.77 -16.54 -14.61
N SER C 130 -9.88 -16.45 -15.93
CA SER C 130 -8.72 -16.63 -16.77
C SER C 130 -8.77 -15.71 -17.97
N ASP C 131 -7.67 -15.02 -18.22
CA ASP C 131 -7.57 -14.17 -19.37
C ASP C 131 -7.40 -15.10 -20.58
N VAL C 132 -7.77 -14.62 -21.76
CA VAL C 132 -7.58 -15.38 -22.99
C VAL C 132 -6.13 -15.04 -23.40
N VAL C 133 -5.77 -13.76 -23.29
CA VAL C 133 -4.42 -13.24 -23.58
C VAL C 133 -4.16 -12.18 -22.51
N PHE C 134 -2.93 -12.11 -22.04
CA PHE C 134 -2.55 -11.16 -21.00
C PHE C 134 -1.16 -10.60 -21.25
N LEU C 135 -1.11 -9.49 -21.97
CA LEU C 135 0.12 -8.80 -22.26
C LEU C 135 0.23 -7.68 -21.23
N ALA C 136 1.26 -7.74 -20.39
CA ALA C 136 1.52 -6.74 -19.34
C ALA C 136 3.04 -6.58 -19.13
N GLY C 137 3.45 -5.48 -18.53
CA GLY C 137 4.86 -5.24 -18.33
C GLY C 137 5.13 -3.76 -18.44
N THR C 138 6.36 -3.39 -18.74
CA THR C 138 6.73 -1.99 -18.84
C THR C 138 7.24 -1.69 -20.25
N GLY C 139 6.74 -0.62 -20.85
CA GLY C 139 7.18 -0.29 -22.20
C GLY C 139 6.51 0.91 -22.83
N GLY C 140 6.12 0.76 -24.08
CA GLY C 140 5.48 1.85 -24.77
C GLY C 140 4.82 1.37 -26.04
N GLY C 141 3.93 2.19 -26.59
CA GLY C 141 3.28 1.76 -27.81
C GLY C 141 2.23 2.71 -28.29
N ILE C 142 1.51 2.29 -29.31
CA ILE C 142 0.48 3.11 -29.88
C ILE C 142 -0.75 2.27 -30.22
N TYR C 143 -1.91 2.76 -29.83
CA TYR C 143 -3.16 2.06 -30.10
C TYR C 143 -3.92 2.75 -31.22
N ASP C 144 -4.64 1.94 -31.99
CA ASP C 144 -5.50 2.36 -33.09
C ASP C 144 -4.88 3.13 -34.27
N VAL C 145 -4.01 2.46 -35.01
CA VAL C 145 -3.44 3.08 -36.19
C VAL C 145 -4.35 2.53 -37.29
N LYS C 146 -5.15 3.42 -37.88
CA LYS C 146 -6.10 3.03 -38.94
C LYS C 146 -5.52 3.09 -40.34
N TRP C 147 -5.57 1.97 -41.05
CA TRP C 147 -5.10 1.90 -42.43
C TRP C 147 -6.39 1.79 -43.24
N ASN C 148 -6.40 2.30 -44.48
CA ASN C 148 -7.58 2.22 -45.36
C ASN C 148 -8.99 2.29 -44.72
N ASP C 149 -9.05 2.70 -43.45
CA ASP C 149 -10.30 2.85 -42.68
C ASP C 149 -11.11 1.55 -42.50
N GLY C 150 -10.41 0.47 -42.18
CA GLY C 150 -11.06 -0.83 -41.98
C GLY C 150 -10.11 -1.87 -41.42
N LEU C 151 -8.90 -1.43 -41.09
CA LEU C 151 -7.86 -2.29 -40.55
C LEU C 151 -7.08 -1.45 -39.53
N ARG C 152 -7.35 -1.67 -38.24
CA ARG C 152 -6.64 -0.95 -37.19
C ARG C 152 -5.58 -1.84 -36.59
N SER C 153 -4.51 -1.21 -36.12
CA SER C 153 -3.37 -1.92 -35.58
C SER C 153 -2.80 -1.31 -34.32
N ASN C 154 -2.25 -2.16 -33.45
CA ASN C 154 -1.58 -1.70 -32.23
C ASN C 154 -0.16 -2.24 -32.36
N PHE C 155 0.83 -1.41 -32.02
CA PHE C 155 2.22 -1.81 -32.07
C PHE C 155 2.82 -1.44 -30.71
N SER C 156 3.61 -2.35 -30.12
CA SER C 156 4.21 -2.07 -28.81
C SER C 156 5.48 -2.83 -28.43
N LEU C 157 6.15 -2.29 -27.41
CA LEU C 157 7.34 -2.89 -26.87
C LEU C 157 7.09 -3.01 -25.38
N TYR C 158 7.02 -4.25 -24.89
CA TYR C 158 6.82 -4.51 -23.48
C TYR C 158 8.04 -5.25 -22.92
N GLY C 159 8.50 -4.80 -21.76
CA GLY C 159 9.63 -5.44 -21.12
C GLY C 159 9.20 -6.12 -19.82
N ARG C 160 9.80 -7.28 -19.56
CA ARG C 160 9.55 -8.03 -18.33
C ARG C 160 10.89 -8.51 -17.73
N ASN C 161 10.81 -9.18 -16.59
CA ASN C 161 11.99 -9.69 -15.89
C ASN C 161 11.84 -11.15 -15.51
N PHE C 162 12.95 -11.87 -15.60
CA PHE C 162 13.00 -13.26 -15.19
C PHE C 162 13.95 -13.35 -13.99
N GLY C 163 13.63 -14.23 -13.05
CA GLY C 163 14.48 -14.42 -11.88
C GLY C 163 14.34 -13.38 -10.80
N ASP C 164 15.30 -13.35 -9.88
CA ASP C 164 15.30 -12.42 -8.75
C ASP C 164 15.90 -11.09 -9.18
N ILE C 165 15.08 -10.04 -9.18
CA ILE C 165 15.50 -8.69 -9.58
C ILE C 165 16.73 -8.17 -8.79
N ASP C 166 16.87 -8.62 -7.55
CA ASP C 166 17.99 -8.24 -6.65
C ASP C 166 19.31 -8.92 -6.96
N ASP C 167 19.24 -10.17 -7.44
CA ASP C 167 20.40 -10.97 -7.78
C ASP C 167 20.78 -10.69 -9.23
N SER C 168 21.83 -9.90 -9.41
CA SER C 168 22.28 -9.54 -10.75
C SER C 168 22.71 -10.73 -11.62
N SER C 169 23.04 -11.86 -11.00
CA SER C 169 23.47 -13.05 -11.74
C SER C 169 22.31 -14.00 -12.09
N ASN C 170 21.16 -13.77 -11.44
CA ASN C 170 19.96 -14.56 -11.68
C ASN C 170 18.81 -13.64 -12.09
N SER C 171 19.12 -12.61 -12.86
CA SER C 171 18.12 -11.66 -13.32
C SER C 171 18.33 -11.35 -14.80
N VAL C 172 17.25 -11.46 -15.57
CA VAL C 172 17.28 -11.19 -17.00
C VAL C 172 16.04 -10.39 -17.46
N GLN C 173 16.23 -9.54 -18.46
CA GLN C 173 15.15 -8.74 -19.02
C GLN C 173 14.62 -9.42 -20.27
N ASN C 174 13.30 -9.54 -20.36
CA ASN C 174 12.66 -10.16 -21.53
C ASN C 174 11.88 -9.11 -22.30
N TYR C 175 12.24 -8.92 -23.55
CA TYR C 175 11.57 -7.95 -24.38
C TYR C 175 10.62 -8.61 -25.35
N ILE C 176 9.47 -7.95 -25.51
CA ILE C 176 8.38 -8.42 -26.37
C ILE C 176 7.93 -7.38 -27.38
N LEU C 177 7.99 -7.76 -28.64
CA LEU C 177 7.57 -6.91 -29.74
C LEU C 177 6.29 -7.51 -30.26
N THR C 178 5.26 -6.68 -30.34
CA THR C 178 3.97 -7.18 -30.81
C THR C 178 3.18 -6.24 -31.72
N MET C 179 2.49 -6.85 -32.68
CA MET C 179 1.63 -6.11 -33.59
C MET C 179 0.27 -6.77 -33.42
N ASN C 180 -0.73 -5.96 -33.14
CA ASN C 180 -2.08 -6.47 -32.91
C ASN C 180 -2.96 -5.86 -34.02
N HIS C 181 -3.51 -6.70 -34.88
CA HIS C 181 -4.34 -6.23 -35.99
C HIS C 181 -5.79 -6.64 -35.90
N PHE C 182 -6.66 -5.68 -36.22
CA PHE C 182 -8.10 -5.91 -36.20
C PHE C 182 -8.78 -5.58 -37.54
N ALA C 183 -9.53 -6.55 -38.05
CA ALA C 183 -10.27 -6.40 -39.31
C ALA C 183 -11.72 -6.90 -39.11
N GLY C 184 -12.60 -6.01 -38.68
CA GLY C 184 -13.97 -6.39 -38.43
C GLY C 184 -14.01 -7.19 -37.15
N PRO C 185 -14.58 -8.41 -37.19
CA PRO C 185 -14.68 -9.27 -36.01
C PRO C 185 -13.38 -10.10 -35.83
N LEU C 186 -12.50 -9.97 -36.82
CA LEU C 186 -11.26 -10.73 -36.84
C LEU C 186 -10.04 -10.08 -36.18
N GLN C 187 -9.28 -10.88 -35.43
CA GLN C 187 -8.08 -10.41 -34.76
C GLN C 187 -6.88 -11.32 -34.99
N MET C 188 -5.75 -10.68 -35.27
CA MET C 188 -4.51 -11.39 -35.48
C MET C 188 -3.37 -10.69 -34.76
N MET C 189 -2.89 -11.37 -33.73
CA MET C 189 -1.81 -10.86 -32.90
C MET C 189 -0.54 -11.69 -33.09
N VAL C 190 0.58 -11.02 -33.36
CA VAL C 190 1.86 -11.69 -33.54
C VAL C 190 2.95 -11.01 -32.70
N SER C 191 3.55 -11.77 -31.78
CA SER C 191 4.60 -11.26 -30.91
C SER C 191 5.90 -12.02 -31.03
N GLY C 192 7.00 -11.30 -30.87
CA GLY C 192 8.33 -11.88 -30.89
C GLY C 192 8.95 -11.59 -29.53
N LEU C 193 9.45 -12.62 -28.83
CA LEU C 193 10.07 -12.36 -27.54
C LEU C 193 11.55 -12.75 -27.45
N ARG C 194 12.29 -12.05 -26.60
CA ARG C 194 13.71 -12.33 -26.41
C ARG C 194 14.28 -11.90 -25.07
N ALA C 195 14.82 -12.84 -24.32
CA ALA C 195 15.45 -12.60 -23.02
C ALA C 195 16.86 -13.15 -23.19
N LYS C 196 17.80 -12.28 -23.50
CA LYS C 196 19.19 -12.65 -23.73
C LYS C 196 19.81 -13.37 -22.57
N ASP C 197 20.48 -14.48 -22.87
CA ASP C 197 21.16 -15.30 -21.86
C ASP C 197 20.28 -15.72 -20.69
N ASN C 198 19.05 -16.10 -21.00
CA ASN C 198 18.14 -16.56 -19.97
C ASN C 198 18.73 -17.86 -19.48
N ASP C 199 19.25 -18.67 -20.41
CA ASP C 199 19.84 -19.97 -20.11
C ASP C 199 21.11 -19.93 -19.27
N GLU C 200 21.64 -18.73 -19.06
CA GLU C 200 22.86 -18.61 -18.28
C GLU C 200 22.68 -18.02 -16.89
N ARG C 201 21.44 -18.02 -16.41
CA ARG C 201 21.16 -17.49 -15.08
C ARG C 201 21.65 -18.48 -14.05
N LYS C 202 22.46 -18.01 -13.12
CA LYS C 202 23.00 -18.83 -12.05
C LYS C 202 22.29 -18.53 -10.75
N ASP C 203 21.85 -19.57 -10.03
CA ASP C 203 21.18 -19.36 -8.76
C ASP C 203 22.18 -18.87 -7.70
N SER C 204 21.68 -18.59 -6.50
CA SER C 204 22.51 -18.09 -5.39
C SER C 204 23.76 -18.93 -5.07
N ASN C 205 23.69 -20.24 -5.35
CA ASN C 205 24.82 -21.15 -5.12
C ASN C 205 25.94 -20.88 -6.12
N GLY C 206 25.59 -20.93 -7.40
CA GLY C 206 26.54 -20.69 -8.47
C GLY C 206 26.26 -21.62 -9.64
N ASN C 207 25.24 -22.46 -9.47
CA ASN C 207 24.82 -23.41 -10.49
C ASN C 207 23.83 -22.75 -11.43
N LEU C 208 23.64 -23.35 -12.60
CA LEU C 208 22.70 -22.83 -13.57
C LEU C 208 21.29 -23.10 -13.03
N ALA C 209 20.45 -22.07 -13.04
CA ALA C 209 19.07 -22.19 -12.58
C ALA C 209 18.33 -23.18 -13.49
N LYS C 210 18.62 -23.13 -14.79
CA LYS C 210 17.99 -24.02 -15.76
C LYS C 210 18.96 -24.59 -16.80
N GLY C 211 19.60 -23.75 -17.59
CA GLY C 211 20.55 -24.31 -18.54
C GLY C 211 19.97 -24.67 -19.89
N ASP C 212 18.80 -25.29 -19.89
CA ASP C 212 18.12 -25.62 -21.14
C ASP C 212 16.94 -24.68 -21.40
N ALA C 213 16.90 -23.56 -20.67
CA ALA C 213 15.84 -22.57 -20.81
C ALA C 213 16.03 -21.82 -22.12
N ALA C 214 14.91 -21.34 -22.68
CA ALA C 214 14.93 -20.60 -23.94
C ALA C 214 15.28 -19.12 -23.79
N ASN C 215 15.86 -18.57 -24.86
CA ASN C 215 16.24 -17.15 -24.91
C ASN C 215 15.37 -16.36 -25.89
N THR C 216 14.56 -17.05 -26.69
CA THR C 216 13.70 -16.39 -27.66
C THR C 216 12.35 -17.08 -27.70
N GLY C 217 11.41 -16.51 -28.44
CA GLY C 217 10.08 -17.09 -28.54
C GLY C 217 9.22 -16.39 -29.56
N VAL C 218 8.13 -17.06 -29.95
CA VAL C 218 7.18 -16.52 -30.90
C VAL C 218 5.81 -16.83 -30.37
N HIS C 219 4.88 -15.88 -30.51
CA HIS C 219 3.51 -16.04 -30.02
C HIS C 219 2.54 -15.49 -31.04
N ALA C 220 1.39 -16.15 -31.21
CA ALA C 220 0.37 -15.71 -32.15
C ALA C 220 -1.05 -16.00 -31.62
N LEU C 221 -1.99 -15.17 -32.06
CA LEU C 221 -3.39 -15.29 -31.65
C LEU C 221 -4.29 -15.00 -32.83
N LEU C 222 -5.29 -15.85 -33.00
CA LEU C 222 -6.25 -15.68 -34.05
C LEU C 222 -7.56 -15.62 -33.30
N GLY C 223 -8.26 -14.50 -33.40
CA GLY C 223 -9.51 -14.37 -32.68
C GLY C 223 -10.72 -13.92 -33.49
N LEU C 224 -11.88 -14.38 -33.05
CA LEU C 224 -13.13 -14.04 -33.69
C LEU C 224 -14.02 -13.39 -32.66
N HIS C 225 -14.40 -12.13 -32.90
CA HIS C 225 -15.25 -11.40 -31.96
C HIS C 225 -16.63 -11.15 -32.57
N ASN C 226 -17.59 -11.99 -32.20
CA ASN C 226 -18.96 -11.90 -32.71
C ASN C 226 -19.91 -11.12 -31.84
N ASP C 227 -20.88 -10.51 -32.52
CA ASP C 227 -21.89 -9.71 -31.87
C ASP C 227 -23.16 -10.52 -31.71
N SER C 228 -23.02 -11.83 -31.87
CA SER C 228 -24.12 -12.74 -31.68
C SER C 228 -23.58 -13.95 -30.96
N PHE C 229 -24.47 -14.80 -30.52
CA PHE C 229 -24.06 -16.00 -29.81
C PHE C 229 -23.69 -17.04 -30.85
N TYR C 230 -22.43 -17.02 -31.27
CA TYR C 230 -21.90 -17.96 -32.26
C TYR C 230 -22.70 -17.97 -33.56
N GLY C 231 -23.26 -16.81 -33.91
CA GLY C 231 -24.00 -16.69 -35.15
C GLY C 231 -25.31 -17.44 -35.29
N LEU C 232 -25.91 -17.87 -34.18
CA LEU C 232 -27.18 -18.57 -34.27
C LEU C 232 -28.19 -18.24 -33.18
N ARG C 233 -27.98 -17.12 -32.52
CA ARG C 233 -28.88 -16.69 -31.47
C ARG C 233 -28.36 -15.36 -30.98
N ASP C 234 -29.22 -14.57 -30.36
CA ASP C 234 -28.79 -13.27 -29.86
C ASP C 234 -27.77 -13.45 -28.73
N GLY C 235 -26.84 -12.52 -28.64
CA GLY C 235 -25.84 -12.59 -27.58
C GLY C 235 -24.48 -12.19 -28.10
N SER C 236 -23.45 -12.77 -27.51
CA SER C 236 -22.09 -12.47 -27.95
C SER C 236 -21.26 -13.72 -27.81
N SER C 237 -20.07 -13.68 -28.38
CA SER C 237 -19.19 -14.82 -28.30
C SER C 237 -17.82 -14.39 -28.78
N LYS C 238 -16.80 -15.12 -28.32
CA LYS C 238 -15.41 -14.89 -28.69
C LYS C 238 -14.73 -16.24 -28.77
N THR C 239 -13.98 -16.43 -29.85
CA THR C 239 -13.26 -17.67 -30.05
C THR C 239 -11.84 -17.28 -30.41
N ALA C 240 -10.87 -17.83 -29.68
CA ALA C 240 -9.47 -17.52 -29.93
C ALA C 240 -8.61 -18.76 -30.02
N LEU C 241 -7.67 -18.70 -30.94
CA LEU C 241 -6.73 -19.78 -31.17
C LEU C 241 -5.35 -19.22 -30.84
N LEU C 242 -4.68 -19.82 -29.86
CA LEU C 242 -3.36 -19.35 -29.45
C LEU C 242 -2.27 -20.35 -29.73
N TYR C 243 -1.12 -19.82 -30.16
CA TYR C 243 0.04 -20.64 -30.45
C TYR C 243 1.32 -19.96 -30.01
N GLY C 244 2.25 -20.76 -29.48
CA GLY C 244 3.52 -20.22 -29.02
C GLY C 244 4.63 -21.25 -29.02
N HIS C 245 5.85 -20.77 -29.19
CA HIS C 245 7.02 -21.63 -29.22
C HIS C 245 8.16 -20.97 -28.48
N GLY C 246 8.92 -21.77 -27.71
CA GLY C 246 10.04 -21.24 -26.96
C GLY C 246 9.46 -20.47 -25.81
N LEU C 247 9.96 -19.25 -25.60
CA LEU C 247 9.47 -18.36 -24.54
C LEU C 247 7.99 -18.05 -24.74
N GLY C 248 7.55 -18.09 -26.00
CA GLY C 248 6.17 -17.84 -26.31
C GLY C 248 5.23 -19.00 -25.99
N ALA C 249 5.76 -20.14 -25.57
CA ALA C 249 4.92 -21.31 -25.28
C ALA C 249 3.94 -21.19 -24.09
N GLU C 250 4.06 -20.12 -23.30
CA GLU C 250 3.11 -19.83 -22.22
C GLU C 250 2.24 -18.80 -22.97
N VAL C 251 1.12 -19.30 -23.52
CA VAL C 251 0.21 -18.51 -24.35
C VAL C 251 -0.67 -17.40 -23.72
N LYS C 252 -0.91 -17.49 -22.42
CA LYS C 252 -1.70 -16.49 -21.69
C LYS C 252 -0.83 -15.34 -21.18
N GLY C 253 0.03 -15.60 -20.20
CA GLY C 253 0.88 -14.55 -19.68
C GLY C 253 2.12 -14.42 -20.56
N ILE C 254 1.97 -13.78 -21.71
CA ILE C 254 3.07 -13.62 -22.66
C ILE C 254 4.38 -13.15 -22.02
N GLY C 255 5.43 -13.96 -22.19
CA GLY C 255 6.74 -13.62 -21.62
C GLY C 255 6.82 -13.70 -20.11
N SER C 256 5.91 -14.43 -19.48
CA SER C 256 5.89 -14.55 -18.02
C SER C 256 6.48 -15.85 -17.45
N ASP C 257 6.92 -16.76 -18.32
CA ASP C 257 7.48 -18.04 -17.88
C ASP C 257 8.91 -18.21 -18.36
N GLY C 258 9.86 -18.06 -17.44
CA GLY C 258 11.27 -18.16 -17.80
C GLY C 258 11.85 -19.56 -17.85
N ALA C 259 11.09 -20.57 -17.42
CA ALA C 259 11.56 -21.96 -17.41
C ALA C 259 11.32 -22.76 -18.70
N LEU C 260 10.67 -22.16 -19.69
CA LEU C 260 10.34 -22.84 -20.93
C LEU C 260 11.53 -23.24 -21.78
N ARG C 261 11.50 -24.47 -22.27
CA ARG C 261 12.57 -24.96 -23.14
C ARG C 261 12.44 -24.34 -24.52
N PRO C 262 13.52 -24.33 -25.30
CA PRO C 262 13.51 -23.78 -26.66
C PRO C 262 12.47 -24.45 -27.56
N GLY C 263 12.27 -25.74 -27.34
CA GLY C 263 11.33 -26.48 -28.16
C GLY C 263 9.93 -26.55 -27.60
N ALA C 264 9.66 -25.77 -26.55
CA ALA C 264 8.33 -25.75 -25.97
C ALA C 264 7.34 -25.32 -27.06
N ASP C 265 6.28 -26.11 -27.22
CA ASP C 265 5.28 -25.85 -28.25
C ASP C 265 3.86 -25.95 -27.66
N THR C 266 3.09 -24.86 -27.77
CA THR C 266 1.72 -24.84 -27.23
C THR C 266 0.66 -24.36 -28.21
N TRP C 267 -0.53 -24.94 -28.05
CA TRP C 267 -1.74 -24.64 -28.82
C TRP C 267 -2.83 -24.54 -27.80
N ARG C 268 -3.57 -23.44 -27.81
CA ARG C 268 -4.66 -23.30 -26.87
C ARG C 268 -5.89 -22.74 -27.58
N ILE C 269 -7.05 -23.25 -27.18
CA ILE C 269 -8.30 -22.78 -27.75
C ILE C 269 -9.17 -22.25 -26.64
N ALA C 270 -9.60 -21.00 -26.78
CA ALA C 270 -10.47 -20.35 -25.80
C ALA C 270 -11.78 -19.95 -26.50
N SER C 271 -12.90 -20.22 -25.85
CA SER C 271 -14.17 -19.85 -26.46
C SER C 271 -15.28 -19.76 -25.44
N TYR C 272 -16.12 -18.72 -25.60
CA TYR C 272 -17.26 -18.53 -24.73
C TYR C 272 -18.34 -17.76 -25.47
N GLY C 273 -19.56 -17.85 -24.95
CA GLY C 273 -20.69 -17.17 -25.55
C GLY C 273 -21.69 -16.80 -24.47
N THR C 274 -22.46 -15.75 -24.75
CA THR C 274 -23.48 -15.28 -23.84
C THR C 274 -24.79 -15.22 -24.61
N THR C 275 -25.87 -15.70 -24.00
CA THR C 275 -27.20 -15.67 -24.64
C THR C 275 -28.36 -15.86 -23.68
N PRO C 276 -29.46 -15.11 -23.90
CA PRO C 276 -30.67 -15.22 -23.05
C PRO C 276 -31.57 -16.32 -23.61
N LEU C 277 -32.03 -17.21 -22.74
CA LEU C 277 -32.90 -18.34 -23.11
C LEU C 277 -34.37 -17.94 -23.04
N SER C 278 -34.63 -16.91 -22.26
CA SER C 278 -35.96 -16.34 -22.10
C SER C 278 -35.74 -15.02 -21.34
N GLU C 279 -36.82 -14.33 -20.94
CA GLU C 279 -36.71 -13.06 -20.20
C GLU C 279 -36.32 -13.28 -18.71
N ASN C 280 -36.02 -14.53 -18.37
CA ASN C 280 -35.64 -14.90 -17.02
C ASN C 280 -34.39 -15.79 -16.94
N TRP C 281 -34.10 -16.57 -17.99
CA TRP C 281 -32.91 -17.45 -18.05
C TRP C 281 -31.79 -17.00 -18.99
N SER C 282 -30.57 -16.93 -18.46
CA SER C 282 -29.37 -16.56 -19.23
C SER C 282 -28.34 -17.69 -19.10
N VAL C 283 -27.67 -17.99 -20.20
CA VAL C 283 -26.66 -19.04 -20.17
C VAL C 283 -25.33 -18.58 -20.77
N ALA C 284 -24.24 -18.95 -20.10
CA ALA C 284 -22.90 -18.61 -20.57
C ALA C 284 -21.99 -19.84 -20.56
N PRO C 285 -21.91 -20.55 -21.69
CA PRO C 285 -21.05 -21.72 -21.76
C PRO C 285 -19.62 -21.26 -22.08
N ALA C 286 -18.61 -22.04 -21.71
CA ALA C 286 -17.23 -21.67 -21.99
C ALA C 286 -16.29 -22.86 -22.10
N MET C 287 -15.25 -22.73 -22.90
CA MET C 287 -14.30 -23.80 -23.05
C MET C 287 -12.87 -23.32 -23.18
N LEU C 288 -11.98 -24.03 -22.49
CA LEU C 288 -10.55 -23.78 -22.49
C LEU C 288 -9.87 -25.13 -22.67
N ALA C 289 -8.99 -25.24 -23.65
CA ALA C 289 -8.29 -26.49 -23.91
C ALA C 289 -6.88 -26.19 -24.35
N GLN C 290 -5.95 -27.04 -23.92
CA GLN C 290 -4.55 -26.85 -24.28
C GLN C 290 -3.74 -28.15 -24.45
N ARG C 291 -2.75 -28.08 -25.32
CA ARG C 291 -1.83 -29.17 -25.60
C ARG C 291 -0.44 -28.53 -25.60
N SER C 292 0.37 -28.88 -24.61
CA SER C 292 1.72 -28.32 -24.50
C SER C 292 2.77 -29.43 -24.43
N LYS C 293 3.71 -29.43 -25.37
CA LYS C 293 4.77 -30.44 -25.46
C LYS C 293 6.18 -29.85 -25.25
N ASP C 294 7.07 -30.67 -24.66
CA ASP C 294 8.46 -30.28 -24.43
C ASP C 294 8.53 -28.92 -23.76
N ARG C 295 7.59 -28.70 -22.87
CA ARG C 295 7.46 -27.46 -22.15
C ARG C 295 8.61 -27.20 -21.19
N TYR C 296 8.67 -27.95 -20.09
CA TYR C 296 9.75 -27.77 -19.11
C TYR C 296 10.81 -28.88 -19.18
N ALA C 297 10.38 -30.07 -19.58
CA ALA C 297 11.26 -31.22 -19.70
C ALA C 297 11.08 -31.82 -21.07
N ASP C 298 12.17 -32.36 -21.59
CA ASP C 298 12.19 -33.01 -22.90
C ASP C 298 11.20 -34.18 -22.92
N GLY C 299 10.31 -34.18 -23.91
CA GLY C 299 9.32 -35.25 -23.99
C GLY C 299 8.14 -35.12 -23.04
N ASP C 300 8.00 -34.00 -22.33
CA ASP C 300 6.84 -33.87 -21.46
C ASP C 300 5.62 -33.51 -22.29
N SER C 301 4.46 -33.55 -21.65
CA SER C 301 3.23 -33.25 -22.33
C SER C 301 2.17 -32.90 -21.31
N TYR C 302 1.46 -31.82 -21.59
CA TYR C 302 0.39 -31.38 -20.72
C TYR C 302 -0.81 -31.15 -21.62
N GLN C 303 -1.90 -31.86 -21.33
CA GLN C 303 -3.14 -31.74 -22.11
C GLN C 303 -4.34 -31.69 -21.20
N TRP C 304 -5.21 -30.73 -21.41
CA TRP C 304 -6.41 -30.62 -20.60
C TRP C 304 -7.48 -29.82 -21.31
N ALA C 305 -8.72 -30.01 -20.87
CA ALA C 305 -9.85 -29.32 -21.44
C ALA C 305 -10.88 -29.06 -20.37
N THR C 306 -11.24 -27.78 -20.25
CA THR C 306 -12.24 -27.35 -19.30
C THR C 306 -13.51 -26.94 -20.02
N PHE C 307 -14.64 -27.26 -19.39
CA PHE C 307 -15.92 -26.87 -19.90
C PHE C 307 -16.67 -26.31 -18.70
N ASN C 308 -17.00 -25.02 -18.77
CA ASN C 308 -17.73 -24.34 -17.71
C ASN C 308 -19.08 -23.89 -18.25
N LEU C 309 -20.09 -23.96 -17.39
CA LEU C 309 -21.43 -23.58 -17.78
C LEU C 309 -22.08 -22.79 -16.65
N ARG C 310 -22.22 -21.47 -16.87
CA ARG C 310 -22.87 -20.60 -15.89
C ARG C 310 -24.33 -20.31 -16.36
N LEU C 311 -25.29 -20.49 -15.47
CA LEU C 311 -26.72 -20.25 -15.76
C LEU C 311 -27.33 -19.35 -14.68
N ILE C 312 -28.05 -18.29 -15.08
CA ILE C 312 -28.73 -17.43 -14.08
C ILE C 312 -30.23 -17.40 -14.35
N GLN C 313 -31.00 -17.49 -13.29
CA GLN C 313 -32.45 -17.46 -13.37
C GLN C 313 -32.97 -16.34 -12.50
N ALA C 314 -33.52 -15.31 -13.13
CA ALA C 314 -34.06 -14.19 -12.41
C ALA C 314 -35.38 -14.59 -11.75
N ILE C 315 -35.59 -14.08 -10.55
CA ILE C 315 -36.80 -14.35 -9.80
C ILE C 315 -37.46 -13.03 -9.41
N ASN C 316 -36.62 -12.04 -9.13
CA ASN C 316 -37.01 -10.69 -8.74
C ASN C 316 -36.21 -9.72 -9.56
N GLN C 317 -36.38 -8.47 -9.18
CA GLN C 317 -35.64 -7.39 -9.77
C GLN C 317 -34.28 -7.46 -9.03
N ASN C 318 -34.31 -8.04 -7.83
CA ASN C 318 -33.13 -8.18 -7.00
C ASN C 318 -32.62 -9.59 -6.73
N PHE C 319 -33.44 -10.61 -6.91
CA PHE C 319 -33.02 -11.94 -6.58
C PHE C 319 -32.88 -12.86 -7.75
N ALA C 320 -31.81 -13.64 -7.77
CA ALA C 320 -31.58 -14.59 -8.84
C ALA C 320 -30.98 -15.88 -8.30
N LEU C 321 -31.03 -16.93 -9.10
CA LEU C 321 -30.48 -18.21 -8.71
C LEU C 321 -29.47 -18.55 -9.76
N ALA C 322 -28.19 -18.57 -9.39
CA ALA C 322 -27.11 -18.88 -10.32
C ALA C 322 -26.68 -20.32 -10.13
N TYR C 323 -26.30 -20.97 -11.22
CA TYR C 323 -25.85 -22.35 -11.20
C TYR C 323 -24.55 -22.43 -12.01
N GLU C 324 -23.62 -23.28 -11.59
CA GLU C 324 -22.37 -23.47 -12.33
C GLU C 324 -21.95 -24.93 -12.43
N GLY C 325 -21.48 -25.30 -13.61
CA GLY C 325 -21.05 -26.65 -13.83
C GLY C 325 -19.68 -26.69 -14.48
N SER C 326 -18.73 -27.31 -13.80
CA SER C 326 -17.39 -27.44 -14.39
C SER C 326 -17.03 -28.90 -14.61
N TYR C 327 -16.41 -29.14 -15.75
CA TYR C 327 -15.94 -30.46 -16.09
C TYR C 327 -14.57 -30.23 -16.67
N GLN C 328 -13.64 -31.08 -16.27
CA GLN C 328 -12.29 -30.97 -16.78
C GLN C 328 -11.59 -32.30 -16.93
N TYR C 329 -10.94 -32.50 -18.07
CA TYR C 329 -10.20 -33.71 -18.29
C TYR C 329 -8.74 -33.32 -18.46
N MET C 330 -7.84 -34.12 -17.89
CA MET C 330 -6.43 -33.83 -18.02
C MET C 330 -5.59 -35.12 -18.13
N ASP C 331 -4.53 -35.02 -18.91
CA ASP C 331 -3.59 -36.10 -19.14
C ASP C 331 -2.24 -35.39 -19.04
N LEU C 332 -1.63 -35.48 -17.87
CA LEU C 332 -0.38 -34.79 -17.64
C LEU C 332 0.80 -35.74 -17.53
N LYS C 333 1.88 -35.40 -18.23
CA LYS C 333 3.11 -36.20 -18.23
C LYS C 333 4.28 -35.23 -18.05
N PRO C 334 4.56 -34.89 -16.78
CA PRO C 334 5.63 -33.98 -16.38
C PRO C 334 7.08 -34.45 -16.56
N GLU C 335 7.30 -35.78 -16.66
CA GLU C 335 8.64 -36.36 -16.83
C GLU C 335 9.59 -35.93 -15.70
N GLY C 336 9.14 -36.09 -14.46
CA GLY C 336 9.97 -35.73 -13.32
C GLY C 336 10.07 -34.26 -12.92
N TYR C 337 9.75 -33.33 -13.82
CA TYR C 337 9.80 -31.90 -13.50
C TYR C 337 9.05 -31.57 -12.22
N ASN C 338 9.73 -30.92 -11.28
CA ASN C 338 9.14 -30.54 -10.00
C ASN C 338 8.56 -31.68 -9.17
N ASP C 339 9.06 -32.89 -9.37
CA ASP C 339 8.56 -34.07 -8.64
C ASP C 339 7.10 -34.36 -8.94
N ARG C 340 6.67 -33.96 -10.13
CA ARG C 340 5.30 -34.19 -10.53
C ARG C 340 5.27 -35.59 -11.12
N GLN C 341 4.16 -36.28 -10.90
CA GLN C 341 3.98 -37.63 -11.41
C GLN C 341 2.88 -37.60 -12.46
N ALA C 342 3.09 -38.31 -13.58
CA ALA C 342 2.09 -38.35 -14.66
C ALA C 342 0.73 -38.73 -14.10
N VAL C 343 -0.29 -38.02 -14.55
CA VAL C 343 -1.63 -38.28 -14.05
C VAL C 343 -2.67 -38.01 -15.15
N ASN C 344 -3.83 -38.64 -15.00
CA ASN C 344 -4.92 -38.44 -15.93
C ASN C 344 -6.23 -38.76 -15.22
N GLY C 345 -7.27 -38.02 -15.61
CA GLY C 345 -8.57 -38.18 -14.99
C GLY C 345 -9.41 -36.94 -15.19
N SER C 346 -10.55 -36.91 -14.50
CA SER C 346 -11.45 -35.78 -14.63
C SER C 346 -11.90 -35.20 -13.31
N PHE C 347 -12.24 -33.90 -13.36
CA PHE C 347 -12.71 -33.13 -12.21
C PHE C 347 -14.14 -32.60 -12.49
N TYR C 348 -14.99 -32.61 -11.46
CA TYR C 348 -16.37 -32.15 -11.59
C TYR C 348 -16.72 -31.13 -10.51
N LYS C 349 -17.44 -30.07 -10.90
CA LYS C 349 -17.89 -29.08 -9.91
C LYS C 349 -19.33 -28.68 -10.20
N LEU C 350 -20.16 -28.70 -9.14
CA LEU C 350 -21.55 -28.30 -9.22
C LEU C 350 -21.78 -27.27 -8.15
N THR C 351 -22.21 -26.07 -8.55
CA THR C 351 -22.45 -24.99 -7.58
C THR C 351 -23.81 -24.37 -7.80
N PHE C 352 -24.50 -24.16 -6.69
CA PHE C 352 -25.82 -23.54 -6.68
C PHE C 352 -25.64 -22.27 -5.86
N ALA C 353 -25.94 -21.12 -6.44
CA ALA C 353 -25.73 -19.87 -5.71
C ALA C 353 -26.83 -18.81 -5.68
N PRO C 354 -27.62 -18.76 -4.58
CA PRO C 354 -28.67 -17.74 -4.48
C PRO C 354 -27.93 -16.39 -4.56
N THR C 355 -28.31 -15.55 -5.53
CA THR C 355 -27.64 -14.25 -5.74
C THR C 355 -28.52 -13.01 -5.61
N PHE C 356 -28.00 -11.98 -4.96
CA PHE C 356 -28.70 -10.71 -4.78
C PHE C 356 -27.94 -9.61 -5.52
N LYS C 357 -28.67 -8.72 -6.19
CA LYS C 357 -28.06 -7.62 -6.94
C LYS C 357 -29.14 -6.61 -7.29
N VAL C 358 -28.73 -5.45 -7.81
CA VAL C 358 -29.69 -4.40 -8.19
C VAL C 358 -29.75 -4.25 -9.71
N GLY C 359 -28.62 -4.39 -10.37
CA GLY C 359 -28.56 -4.27 -11.81
C GLY C 359 -29.25 -5.37 -12.59
N SER C 360 -29.04 -5.31 -13.91
CA SER C 360 -29.62 -6.25 -14.84
C SER C 360 -29.20 -7.69 -14.57
N ILE C 361 -30.14 -8.47 -14.05
CA ILE C 361 -29.86 -9.88 -13.78
C ILE C 361 -29.50 -10.66 -15.04
N GLY C 362 -29.98 -10.21 -16.19
CA GLY C 362 -29.67 -10.90 -17.44
C GLY C 362 -28.28 -10.56 -17.93
N ASP C 363 -27.69 -9.51 -17.38
CA ASP C 363 -26.34 -9.12 -17.77
C ASP C 363 -25.34 -9.87 -16.90
N PHE C 364 -24.53 -10.70 -17.52
CA PHE C 364 -23.54 -11.46 -16.78
C PHE C 364 -22.47 -10.54 -16.23
N PHE C 365 -22.46 -9.29 -16.71
CA PHE C 365 -21.46 -8.33 -16.26
C PHE C 365 -21.90 -7.23 -15.31
N SER C 366 -23.18 -7.16 -14.97
CA SER C 366 -23.63 -6.14 -14.01
C SER C 366 -23.07 -6.69 -12.71
N ARG C 367 -22.24 -5.91 -12.04
CA ARG C 367 -21.54 -6.44 -10.88
C ARG C 367 -21.93 -6.39 -9.43
N PRO C 368 -22.31 -5.22 -8.88
CA PRO C 368 -22.64 -5.33 -7.44
C PRO C 368 -23.54 -6.55 -7.19
N GLU C 369 -22.93 -7.63 -6.71
CA GLU C 369 -23.70 -8.84 -6.38
C GLU C 369 -23.14 -9.57 -5.17
N ILE C 370 -24.08 -10.05 -4.36
CA ILE C 370 -23.79 -10.78 -3.13
C ILE C 370 -24.38 -12.18 -3.28
N ARG C 371 -23.53 -13.18 -3.18
CA ARG C 371 -24.01 -14.52 -3.32
C ARG C 371 -23.73 -15.47 -2.15
N PHE C 372 -24.69 -16.36 -1.91
CA PHE C 372 -24.65 -17.42 -0.89
C PHE C 372 -24.49 -18.68 -1.75
N TYR C 373 -23.85 -19.73 -1.24
CA TYR C 373 -23.69 -20.89 -2.09
C TYR C 373 -23.34 -22.19 -1.41
N THR C 374 -23.34 -23.23 -2.22
CA THR C 374 -23.02 -24.60 -1.85
C THR C 374 -22.41 -25.24 -3.08
N SER C 375 -21.27 -25.89 -2.90
CA SER C 375 -20.67 -26.58 -4.04
C SER C 375 -20.35 -28.00 -3.65
N TRP C 376 -20.27 -28.85 -4.67
CA TRP C 376 -19.93 -30.24 -4.53
C TRP C 376 -18.82 -30.46 -5.55
N MET C 377 -17.76 -31.13 -5.13
CA MET C 377 -16.64 -31.44 -6.02
C MET C 377 -16.21 -32.89 -5.87
N ASP C 378 -15.80 -33.49 -6.97
CA ASP C 378 -15.33 -34.86 -6.99
C ASP C 378 -14.36 -34.98 -8.16
N TRP C 379 -13.50 -35.99 -8.13
CA TRP C 379 -12.51 -36.20 -9.19
C TRP C 379 -11.92 -37.62 -9.15
N SER C 380 -11.26 -38.01 -10.24
CA SER C 380 -10.59 -39.30 -10.32
C SER C 380 -9.49 -39.32 -9.25
N LYS C 381 -9.54 -40.28 -8.33
CA LYS C 381 -8.57 -40.41 -7.24
C LYS C 381 -7.10 -40.35 -7.70
N LYS C 382 -6.82 -40.86 -8.90
CA LYS C 382 -5.47 -40.84 -9.43
C LYS C 382 -4.86 -39.43 -9.42
N LEU C 383 -5.70 -38.40 -9.61
CA LEU C 383 -5.29 -37.00 -9.64
C LEU C 383 -4.52 -36.55 -8.40
N ASN C 384 -4.82 -37.20 -7.27
CA ASN C 384 -4.15 -36.90 -6.01
C ASN C 384 -2.64 -37.15 -6.09
N ASN C 385 -2.21 -38.00 -7.02
CA ASN C 385 -0.79 -38.35 -7.14
C ASN C 385 0.09 -37.44 -7.96
N TYR C 386 -0.50 -36.41 -8.57
CA TYR C 386 0.27 -35.47 -9.40
C TYR C 386 1.39 -34.85 -8.58
N ALA C 387 1.04 -34.37 -7.39
CA ALA C 387 1.99 -33.73 -6.49
C ALA C 387 1.58 -34.06 -5.08
N SER C 388 2.48 -33.86 -4.13
CA SER C 388 2.21 -34.17 -2.71
C SER C 388 1.88 -32.92 -1.89
N ASP C 389 2.23 -31.74 -2.41
CA ASP C 389 1.94 -30.47 -1.75
C ASP C 389 0.79 -29.78 -2.49
N ASP C 390 0.00 -30.60 -3.18
CA ASP C 390 -1.16 -30.24 -3.97
C ASP C 390 -2.35 -30.06 -3.05
N ALA C 391 -3.46 -29.65 -3.65
CA ALA C 391 -4.70 -29.49 -2.91
C ALA C 391 -5.42 -30.85 -2.97
N LEU C 392 -5.47 -31.44 -4.16
CA LEU C 392 -6.12 -32.73 -4.34
C LEU C 392 -5.36 -33.88 -3.69
N GLY C 393 -5.87 -34.37 -2.58
CA GLY C 393 -5.20 -35.46 -1.91
C GLY C 393 -4.61 -35.02 -0.60
N SER C 394 -4.56 -33.70 -0.36
CA SER C 394 -4.03 -33.18 0.89
C SER C 394 -4.99 -33.59 1.99
N ASP C 395 -4.58 -33.39 3.24
CA ASP C 395 -5.40 -33.80 4.37
C ASP C 395 -6.81 -33.22 4.38
N GLY C 396 -7.80 -34.10 4.25
CA GLY C 396 -9.19 -33.65 4.29
C GLY C 396 -9.78 -33.25 2.96
N PHE C 397 -9.02 -33.46 1.89
CA PHE C 397 -9.49 -33.12 0.56
C PHE C 397 -9.00 -34.20 -0.41
N ASN C 398 -9.27 -35.45 -0.06
CA ASN C 398 -8.82 -36.57 -0.88
C ASN C 398 -9.97 -37.48 -1.29
N SER C 399 -11.00 -37.51 -0.46
CA SER C 399 -12.18 -38.36 -0.69
C SER C 399 -12.87 -38.07 -2.02
N GLY C 400 -13.96 -38.78 -2.25
CA GLY C 400 -14.74 -38.58 -3.45
C GLY C 400 -15.44 -37.22 -3.35
N GLY C 401 -16.63 -37.21 -2.78
CA GLY C 401 -17.38 -35.97 -2.63
C GLY C 401 -16.92 -34.98 -1.58
N GLU C 402 -16.92 -33.70 -1.94
CA GLU C 402 -16.51 -32.61 -1.06
C GLU C 402 -17.54 -31.47 -1.16
N TRP C 403 -18.14 -31.14 -0.02
CA TRP C 403 -19.15 -30.09 0.07
C TRP C 403 -18.59 -28.82 0.65
N SER C 404 -19.05 -27.69 0.13
CA SER C 404 -18.61 -26.37 0.63
C SER C 404 -19.78 -25.39 0.70
N PHE C 405 -19.70 -24.42 1.62
CA PHE C 405 -20.75 -23.41 1.79
C PHE C 405 -20.09 -22.07 2.06
N GLY C 406 -20.80 -20.97 1.78
CA GLY C 406 -20.22 -19.67 2.04
C GLY C 406 -21.01 -18.48 1.52
N VAL C 407 -20.42 -17.30 1.71
CA VAL C 407 -20.96 -16.02 1.28
C VAL C 407 -19.80 -15.20 0.69
N GLN C 408 -20.09 -14.39 -0.32
CA GLN C 408 -19.07 -13.54 -0.91
C GLN C 408 -19.70 -12.39 -1.70
N MET C 409 -18.94 -11.32 -1.88
CA MET C 409 -19.38 -10.20 -2.69
C MET C 409 -18.36 -10.06 -3.81
N GLU C 410 -18.77 -9.46 -4.92
CA GLU C 410 -17.87 -9.17 -6.02
C GLU C 410 -18.42 -7.95 -6.76
N THR C 411 -17.53 -7.04 -7.13
CA THR C 411 -17.87 -5.86 -7.90
C THR C 411 -16.68 -5.34 -8.67
N TRP C 412 -17.00 -4.42 -9.55
CA TRP C 412 -16.06 -3.73 -10.36
C TRP C 412 -16.84 -2.50 -10.82
N PHE C 413 -16.11 -1.40 -10.97
CA PHE C 413 -16.67 -0.12 -11.36
C PHE C 413 -15.53 0.74 -11.91
#